data_7LHA
#
_entry.id   7LHA
#
_cell.length_a   89.410
_cell.length_b   89.410
_cell.length_c   264.790
_cell.angle_alpha   90.000
_cell.angle_beta   90.000
_cell.angle_gamma   90.000
#
_symmetry.space_group_name_H-M   'P 41 21 2'
#
loop_
_entity.id
_entity.type
_entity.pdbx_description
1 polymer Exo-L-galactose-6-sulfatase
2 non-polymer 'CALCIUM ION'
3 non-polymer 'NICKEL (II) ION'
4 water water
#
_entity_poly.entity_id   1
_entity_poly.type   'polypeptide(L)'
_entity_poly.pdbx_seq_one_letter_code
;MGSSHHHHHHSSGLVPRGSHMAQEKPMNVIFIMSDDHTSQAIGAYGSHLAKLNPTPNIDELASDGVVFDNCFCTNSISTP
SRACIMTGQYSHHNEVLTLDEKLDVDRQYLVKEFSKMGYQTAMVGKWHLKNEPANFDYYKVLNGHGGQGEYFNPTFLTNE
ISNKEWPKNQVKTNGYSSDVITNITIDWLKNRRDKNKPFFLMHHYKAPHDMFEYAPRYKYYLEDTEVPVPESLYNQDGWG
SEATRGKNDSLRHFIGTSISRRHENRSYAEDYKINTGDPKKDTYEAYQRYLKDYLRCVKGVDDNLKRLFDYLKKEGLWEN
TIIVYTGDQGMMLGEHDLQDKRWMYDESMRMPFIVRDPKSKQRGVHNDLMINNIDFAPTLIELAGGKAPKYMDGKSFADV
FEGKTPANWKDEVYYRYWMHMIHHDIPAHIGIRTKDYKLILFYGRHYDEKTMGTPSMWWLRDKGSHKVVQTPVAFELYDL
KKDPMEMKNVANDPEYKDVLKDMKVRLAKLREKVGDTDEKYPKIKAIIDNALK
;
_entity_poly.pdbx_strand_id   A,B
#
loop_
_chem_comp.id
_chem_comp.type
_chem_comp.name
_chem_comp.formula
CA non-polymer 'CALCIUM ION' 'Ca 2'
NI non-polymer 'NICKEL (II) ION' 'Ni 2'
#
# COMPACT_ATOMS: atom_id res chain seq x y z
N MET A 27 -3.71 27.14 20.08
CA MET A 27 -2.99 26.10 19.36
C MET A 27 -3.96 25.25 18.55
N ASN A 28 -3.44 24.67 17.49
CA ASN A 28 -4.25 23.74 16.70
C ASN A 28 -4.48 22.45 17.48
N VAL A 29 -5.43 21.64 17.01
CA VAL A 29 -5.72 20.35 17.64
C VAL A 29 -5.91 19.31 16.54
N ILE A 30 -5.17 18.21 16.63
CA ILE A 30 -5.44 17.04 15.78
C ILE A 30 -5.81 15.89 16.68
N PHE A 31 -7.01 15.40 16.50
CA PHE A 31 -7.57 14.33 17.32
C PHE A 31 -7.57 13.08 16.45
N ILE A 32 -6.61 12.18 16.69
CA ILE A 32 -6.45 10.96 15.91
C ILE A 32 -7.09 9.80 16.67
N MET A 33 -7.99 9.09 16.03
CA MET A 33 -8.66 7.96 16.67
C MET A 33 -8.67 6.80 15.70
N SER A 34 -8.22 5.64 16.16
CA SER A 34 -8.34 4.43 15.37
C SER A 34 -9.48 3.57 15.91
N ASP A 35 -10.12 2.85 15.01
CA ASP A 35 -11.31 2.08 15.36
C ASP A 35 -10.86 0.75 15.96
N ASP A 36 -11.18 0.53 17.24
CA ASP A 36 -10.86 -0.71 17.94
C ASP A 36 -9.36 -0.90 18.15
N HIS A 37 -8.56 0.17 18.18
CA HIS A 37 -7.15 0.00 18.53
C HIS A 37 -7.03 -0.07 20.05
N THR A 38 -6.67 -1.25 20.56
CA THR A 38 -6.71 -1.47 22.00
C THR A 38 -5.34 -1.23 22.63
N SER A 39 -5.35 -0.99 23.95
CA SER A 39 -4.13 -0.56 24.62
C SER A 39 -3.07 -1.65 24.68
N GLN A 40 -3.47 -2.92 24.72
CA GLN A 40 -2.49 -4.01 24.68
C GLN A 40 -1.58 -3.89 23.46
N ALA A 41 -2.09 -3.33 22.37
CA ALA A 41 -1.41 -3.31 21.09
C ALA A 41 -0.73 -1.97 20.83
N ILE A 42 -0.33 -1.28 21.88
CA ILE A 42 0.50 -0.08 21.77
C ILE A 42 1.70 -0.30 22.68
N GLY A 43 2.91 -0.25 22.11
CA GLY A 43 4.08 -0.59 22.89
C GLY A 43 4.19 0.22 24.17
N ALA A 44 3.72 1.47 24.15
CA ALA A 44 3.89 2.33 25.32
C ALA A 44 3.10 1.84 26.51
N TYR A 45 2.09 1.00 26.33
CA TYR A 45 1.35 0.49 27.46
C TYR A 45 1.98 -0.77 28.05
N GLY A 46 3.07 -1.27 27.47
CA GLY A 46 3.86 -2.28 28.15
C GLY A 46 3.20 -3.62 28.36
N SER A 47 2.36 -4.07 27.42
CA SER A 47 1.72 -5.36 27.60
C SER A 47 2.67 -6.48 27.18
N HIS A 48 2.17 -7.72 27.26
CA HIS A 48 2.93 -8.85 26.74
C HIS A 48 3.16 -8.76 25.24
N LEU A 49 2.45 -7.89 24.53
CA LEU A 49 2.67 -7.66 23.11
C LEU A 49 3.76 -6.63 22.84
N ALA A 50 4.16 -5.85 23.85
CA ALA A 50 5.03 -4.70 23.61
C ALA A 50 6.38 -5.14 23.06
N LYS A 51 6.85 -6.33 23.41
CA LYS A 51 8.14 -6.76 22.88
C LYS A 51 8.11 -6.97 21.38
N LEU A 52 6.93 -7.07 20.78
CA LEU A 52 6.86 -7.10 19.33
C LEU A 52 7.07 -5.72 18.70
N ASN A 53 7.14 -4.68 19.51
CA ASN A 53 7.27 -3.30 19.04
C ASN A 53 6.18 -2.99 18.01
N PRO A 54 4.90 -3.15 18.37
CA PRO A 54 3.83 -3.05 17.36
C PRO A 54 3.59 -1.64 16.85
N THR A 55 3.98 -0.58 17.57
CA THR A 55 3.62 0.79 17.19
C THR A 55 4.78 1.74 17.46
N PRO A 56 5.88 1.64 16.70
CA PRO A 56 7.04 2.51 17.01
C PRO A 56 6.73 4.00 16.87
N ASN A 57 5.89 4.42 15.93
CA ASN A 57 5.65 5.85 15.78
C ASN A 57 4.68 6.39 16.84
N ILE A 58 3.71 5.60 17.27
CA ILE A 58 2.89 6.03 18.40
C ILE A 58 3.75 6.11 19.66
N ASP A 59 4.68 5.16 19.83
CA ASP A 59 5.55 5.19 20.99
C ASP A 59 6.43 6.43 20.99
N GLU A 60 6.88 6.86 19.81
CA GLU A 60 7.67 8.08 19.71
C GLU A 60 6.84 9.31 20.08
N LEU A 61 5.58 9.36 19.66
CA LEU A 61 4.67 10.39 20.14
C LEU A 61 4.51 10.33 21.65
N ALA A 62 4.29 9.13 22.20
CA ALA A 62 4.19 8.98 23.65
C ALA A 62 5.47 9.42 24.35
N SER A 63 6.64 9.19 23.73
CA SER A 63 7.89 9.58 24.36
C SER A 63 8.01 11.08 24.53
N ASP A 64 7.16 11.87 23.88
CA ASP A 64 7.16 13.32 24.03
C ASP A 64 5.80 13.82 24.48
N GLY A 65 5.01 12.97 25.13
CA GLY A 65 3.72 13.40 25.62
C GLY A 65 3.33 12.69 26.88
N VAL A 66 2.02 12.65 27.17
CA VAL A 66 1.47 11.96 28.32
C VAL A 66 0.71 10.72 27.84
N VAL A 67 1.06 9.57 28.41
CA VAL A 67 0.27 8.34 28.28
C VAL A 67 -0.67 8.28 29.47
N PHE A 68 -1.98 8.25 29.23
CA PHE A 68 -2.92 8.07 30.33
C PHE A 68 -3.15 6.59 30.58
N ASP A 69 -2.82 6.14 31.78
CA ASP A 69 -2.93 4.73 32.15
C ASP A 69 -4.34 4.31 32.48
N ASN A 70 -5.20 5.25 32.88
CA ASN A 70 -6.51 4.93 33.43
C ASN A 70 -7.58 5.74 32.70
N CYS A 71 -7.63 5.58 31.37
CA CYS A 71 -8.63 6.22 30.53
C CYS A 71 -9.64 5.16 30.11
N PHE A 72 -10.93 5.41 30.38
CA PHE A 72 -11.92 4.38 30.14
C PHE A 72 -13.10 4.91 29.34
N CYS A 73 -13.62 4.08 28.45
N CYS A 73 -13.60 4.03 28.48
CA CYS A 73 -14.90 4.43 27.90
CA CYS A 73 -14.90 4.20 27.88
C CYS A 73 -15.98 4.08 28.91
C CYS A 73 -15.99 4.05 28.95
N THR A 74 -17.16 4.62 28.68
CA THR A 74 -18.31 4.42 29.54
C THR A 74 -19.28 3.39 28.99
N ASN A 75 -19.02 2.86 27.78
CA ASN A 75 -19.97 2.07 26.98
C ASN A 75 -19.16 1.61 25.78
N SER A 76 -18.73 0.35 25.74
CA SER A 76 -17.62 -0.06 24.87
C SER A 76 -18.15 -0.61 23.54
N ILE A 77 -18.63 0.30 22.69
CA ILE A 77 -18.80 0.03 21.26
C ILE A 77 -18.57 1.33 20.52
N SER A 78 -18.38 1.22 19.20
CA SER A 78 -17.90 2.36 18.41
C SER A 78 -18.84 3.56 18.49
N THR A 79 -20.12 3.39 18.12
CA THR A 79 -21.00 4.56 18.01
C THR A 79 -21.23 5.19 19.38
N PRO A 80 -21.59 4.46 20.43
CA PRO A 80 -21.72 5.10 21.75
C PRO A 80 -20.46 5.81 22.21
N SER A 81 -19.29 5.20 22.02
CA SER A 81 -18.08 5.84 22.52
C SER A 81 -17.80 7.13 21.77
N ARG A 82 -17.96 7.11 20.46
CA ARG A 82 -17.74 8.31 19.67
C ARG A 82 -18.77 9.39 19.99
N ALA A 83 -20.00 9.00 20.34
CA ALA A 83 -20.98 10.00 20.72
C ALA A 83 -20.61 10.62 22.08
N CYS A 84 -20.06 9.81 22.99
CA CYS A 84 -19.57 10.37 24.26
C CYS A 84 -18.43 11.35 24.02
N ILE A 85 -17.54 11.04 23.08
CA ILE A 85 -16.44 11.95 22.78
C ILE A 85 -16.98 13.26 22.25
N MET A 86 -17.87 13.16 21.27
CA MET A 86 -18.40 14.33 20.57
C MET A 86 -19.26 15.18 21.48
N THR A 87 -19.97 14.57 22.43
CA THR A 87 -20.93 15.33 23.25
C THR A 87 -20.41 15.68 24.63
N GLY A 88 -19.39 14.97 25.13
CA GLY A 88 -19.05 15.09 26.54
C GLY A 88 -20.12 14.61 27.49
N GLN A 89 -21.01 13.73 27.04
CA GLN A 89 -22.16 13.31 27.81
C GLN A 89 -22.28 11.79 27.81
N TYR A 90 -22.79 11.26 28.91
CA TYR A 90 -23.10 9.84 28.99
C TYR A 90 -24.14 9.45 27.94
N SER A 91 -24.14 8.13 27.64
CA SER A 91 -25.05 7.59 26.63
C SER A 91 -26.50 7.85 26.95
N HIS A 92 -26.89 7.76 28.23
CA HIS A 92 -28.31 7.98 28.52
C HIS A 92 -28.71 9.45 28.36
N HIS A 93 -27.74 10.36 28.25
CA HIS A 93 -28.05 11.76 27.95
C HIS A 93 -27.93 12.08 26.47
N ASN A 94 -26.93 11.54 25.78
CA ASN A 94 -26.80 11.86 24.36
C ASN A 94 -27.67 10.95 23.50
N GLU A 95 -28.24 9.89 24.09
CA GLU A 95 -29.23 8.96 23.55
C GLU A 95 -28.63 7.91 22.63
N VAL A 96 -27.31 7.86 22.47
CA VAL A 96 -26.68 6.86 21.59
C VAL A 96 -26.35 5.68 22.49
N LEU A 97 -27.34 4.82 22.70
CA LEU A 97 -27.12 3.72 23.64
C LEU A 97 -26.36 2.56 23.02
N THR A 98 -26.55 2.29 21.73
CA THR A 98 -25.95 1.12 21.10
C THR A 98 -25.46 1.48 19.71
N LEU A 99 -25.03 0.45 18.97
CA LEU A 99 -24.64 0.64 17.59
C LEU A 99 -25.81 1.07 16.71
N ASP A 100 -27.04 0.84 17.17
CA ASP A 100 -28.23 1.05 16.34
C ASP A 100 -28.64 2.52 16.27
N GLU A 101 -28.15 3.36 17.17
CA GLU A 101 -28.61 4.74 17.27
C GLU A 101 -27.72 5.71 16.51
N LYS A 102 -28.26 6.90 16.23
CA LYS A 102 -27.60 7.99 15.52
C LYS A 102 -27.37 9.15 16.48
N LEU A 103 -26.34 9.97 16.23
CA LEU A 103 -26.17 11.21 16.99
C LEU A 103 -26.81 12.35 16.22
N ASP A 104 -27.73 13.06 16.86
CA ASP A 104 -28.35 14.21 16.22
C ASP A 104 -27.29 15.24 15.83
N VAL A 105 -27.50 15.85 14.66
CA VAL A 105 -26.59 16.88 14.17
C VAL A 105 -26.39 17.99 15.20
N ASP A 106 -27.49 18.45 15.82
CA ASP A 106 -27.31 19.54 16.78
C ASP A 106 -26.66 19.10 18.07
N ARG A 107 -26.27 17.83 18.20
CA ARG A 107 -25.51 17.39 19.35
C ARG A 107 -24.02 17.23 19.05
N GLN A 108 -23.56 17.71 17.90
CA GLN A 108 -22.12 17.70 17.59
C GLN A 108 -21.39 18.79 18.37
N TYR A 109 -21.41 18.65 19.70
CA TYR A 109 -21.01 19.74 20.58
C TYR A 109 -19.53 20.07 20.47
N LEU A 110 -18.66 19.06 20.44
CA LEU A 110 -17.22 19.31 20.44
C LEU A 110 -16.85 20.23 19.28
N VAL A 111 -17.29 19.89 18.07
CA VAL A 111 -16.90 20.69 16.92
C VAL A 111 -17.58 22.07 16.96
N LYS A 112 -18.84 22.12 17.44
CA LYS A 112 -19.52 23.42 17.55
C LYS A 112 -18.76 24.35 18.51
N GLU A 113 -18.24 23.79 19.59
CA GLU A 113 -17.49 24.60 20.54
C GLU A 113 -16.20 25.12 19.92
N PHE A 114 -15.50 24.28 19.15
CA PHE A 114 -14.27 24.77 18.52
C PHE A 114 -14.59 25.85 17.48
N SER A 115 -15.63 25.65 16.68
CA SER A 115 -16.03 26.67 15.72
C SER A 115 -16.33 27.99 16.42
N LYS A 116 -16.94 27.93 17.60
CA LYS A 116 -17.26 29.13 18.36
C LYS A 116 -16.01 29.85 18.87
N MET A 117 -14.90 29.13 19.04
CA MET A 117 -13.64 29.78 19.38
C MET A 117 -12.93 30.29 18.14
N GLY A 118 -13.57 30.29 16.98
CA GLY A 118 -12.94 30.72 15.76
C GLY A 118 -12.00 29.72 15.12
N TYR A 119 -12.14 28.43 15.42
CA TYR A 119 -11.34 27.44 14.71
C TYR A 119 -12.02 27.04 13.40
N GLN A 120 -11.24 26.84 12.35
CA GLN A 120 -11.76 26.08 11.24
C GLN A 120 -11.75 24.59 11.63
N THR A 121 -12.74 23.84 11.16
CA THR A 121 -12.95 22.48 11.65
C THR A 121 -12.96 21.49 10.49
N ALA A 122 -12.39 20.31 10.71
CA ALA A 122 -12.28 19.32 9.65
C ALA A 122 -12.45 17.93 10.24
N MET A 123 -13.15 17.07 9.49
CA MET A 123 -13.45 15.69 9.87
C MET A 123 -13.02 14.80 8.72
N VAL A 124 -12.08 13.90 8.98
CA VAL A 124 -11.51 13.08 7.90
C VAL A 124 -11.51 11.63 8.35
N GLY A 125 -12.05 10.76 7.51
CA GLY A 125 -11.91 9.33 7.75
C GLY A 125 -13.18 8.62 8.18
N LYS A 126 -13.02 7.68 9.11
CA LYS A 126 -14.11 6.80 9.52
C LYS A 126 -15.10 7.58 10.40
N TRP A 127 -16.36 7.61 9.99
CA TRP A 127 -17.41 8.37 10.67
C TRP A 127 -18.52 7.41 11.07
N HIS A 128 -18.76 7.26 12.38
CA HIS A 128 -19.74 6.31 12.89
C HIS A 128 -21.06 6.97 13.29
N LEU A 129 -21.14 8.30 13.28
CA LEU A 129 -22.24 8.97 13.92
C LEU A 129 -23.46 9.15 13.01
N LYS A 130 -23.35 8.72 11.74
CA LYS A 130 -24.46 8.44 10.83
C LYS A 130 -25.09 9.69 10.20
N ASN A 131 -25.37 10.73 10.96
CA ASN A 131 -25.85 11.93 10.31
C ASN A 131 -24.69 12.64 9.63
N GLU A 132 -25.01 13.63 8.80
CA GLU A 132 -23.96 14.37 8.12
C GLU A 132 -23.07 15.06 9.14
N PRO A 133 -21.73 15.13 8.90
CA PRO A 133 -20.86 15.93 9.77
C PRO A 133 -21.07 17.42 9.54
N ALA A 134 -22.32 17.88 9.63
CA ALA A 134 -22.69 19.18 9.09
C ALA A 134 -22.07 20.34 9.85
N ASN A 135 -21.68 20.13 11.10
CA ASN A 135 -21.08 21.21 11.86
C ASN A 135 -19.58 21.38 11.59
N PHE A 136 -18.99 20.55 10.75
CA PHE A 136 -17.60 20.71 10.34
C PHE A 136 -17.51 21.60 9.10
N ASP A 137 -16.52 22.49 9.08
CA ASP A 137 -16.26 23.26 7.86
C ASP A 137 -15.92 22.37 6.68
N TYR A 138 -15.11 21.33 6.91
CA TYR A 138 -14.73 20.40 5.86
C TYR A 138 -14.91 18.99 6.38
N TYR A 139 -15.45 18.11 5.56
CA TYR A 139 -15.46 16.71 5.94
C TYR A 139 -15.25 15.87 4.70
N LYS A 140 -14.62 14.71 4.90
CA LYS A 140 -14.44 13.73 3.84
C LYS A 140 -14.39 12.38 4.54
N VAL A 141 -15.52 11.68 4.56
CA VAL A 141 -15.68 10.58 5.51
C VAL A 141 -16.07 9.30 4.79
N LEU A 142 -15.75 8.19 5.44
CA LEU A 142 -16.36 6.90 5.16
C LEU A 142 -17.62 6.81 6.01
N ASN A 143 -18.78 6.88 5.34
CA ASN A 143 -20.18 6.71 5.85
C ASN A 143 -20.77 7.87 6.71
N GLU A 150 -14.71 -1.22 2.18
CA GLU A 150 -14.10 0.10 2.05
C GLU A 150 -12.61 0.11 2.44
N TYR A 151 -12.03 -1.06 2.70
CA TYR A 151 -10.59 -1.07 3.00
C TYR A 151 -9.76 -0.81 1.73
N PHE A 152 -10.28 -1.14 0.55
CA PHE A 152 -9.56 -0.91 -0.69
C PHE A 152 -10.39 -0.03 -1.61
N ASN A 153 -9.75 0.95 -2.24
CA ASN A 153 -10.43 1.93 -3.07
C ASN A 153 -11.67 2.49 -2.36
N PRO A 154 -11.51 3.03 -1.15
CA PRO A 154 -12.69 3.54 -0.44
C PRO A 154 -13.35 4.69 -1.17
N THR A 155 -14.66 4.75 -1.04
CA THR A 155 -15.47 5.90 -1.44
C THR A 155 -15.81 6.77 -0.23
N PHE A 156 -15.68 8.07 -0.40
CA PHE A 156 -15.91 9.03 0.67
C PHE A 156 -17.10 9.91 0.33
N LEU A 157 -17.79 10.40 1.37
CA LEU A 157 -18.72 11.51 1.26
C LEU A 157 -18.01 12.77 1.72
N THR A 158 -18.11 13.85 0.93
CA THR A 158 -17.33 15.03 1.23
C THR A 158 -18.03 16.29 0.74
N ASN A 159 -17.98 17.35 1.54
CA ASN A 159 -18.52 18.62 1.08
C ASN A 159 -17.52 19.45 0.27
N GLU A 160 -16.44 18.84 -0.21
CA GLU A 160 -15.64 19.52 -1.23
C GLU A 160 -16.35 19.51 -2.59
N ILE A 161 -17.30 18.60 -2.79
CA ILE A 161 -18.13 18.56 -3.99
C ILE A 161 -19.18 19.66 -3.88
N SER A 162 -19.33 20.44 -4.95
CA SER A 162 -20.19 21.61 -4.94
C SER A 162 -21.65 21.30 -5.25
N ASN A 163 -21.92 20.43 -6.23
CA ASN A 163 -23.27 20.31 -6.76
C ASN A 163 -24.01 19.09 -6.24
N LYS A 164 -23.58 18.52 -5.11
CA LYS A 164 -24.30 17.42 -4.51
C LYS A 164 -24.33 17.62 -3.00
N GLU A 165 -25.43 17.21 -2.38
CA GLU A 165 -25.56 17.27 -0.94
C GLU A 165 -25.45 15.86 -0.36
N TRP A 166 -25.12 15.82 0.92
CA TRP A 166 -25.17 14.59 1.70
C TRP A 166 -26.52 13.91 1.51
N PRO A 167 -26.57 12.59 1.34
CA PRO A 167 -25.44 11.66 1.36
C PRO A 167 -24.99 11.24 -0.04
N LYS A 168 -25.15 12.12 -1.03
CA LYS A 168 -24.87 11.79 -2.41
C LYS A 168 -23.57 12.40 -2.92
N ASN A 169 -22.88 13.14 -2.06
CA ASN A 169 -21.66 13.86 -2.45
C ASN A 169 -20.45 12.95 -2.31
N GLN A 170 -20.40 11.94 -3.18
CA GLN A 170 -19.37 10.93 -3.04
C GLN A 170 -18.21 11.11 -4.02
N VAL A 171 -17.04 10.66 -3.58
CA VAL A 171 -15.78 10.73 -4.33
C VAL A 171 -15.08 9.39 -4.18
N LYS A 172 -14.68 8.80 -5.30
CA LYS A 172 -13.94 7.54 -5.29
C LYS A 172 -12.44 7.83 -5.13
N THR A 173 -11.75 6.93 -4.44
CA THR A 173 -10.29 6.99 -4.29
C THR A 173 -9.66 5.64 -4.65
N ASN A 174 -8.35 5.66 -4.88
CA ASN A 174 -7.58 4.47 -5.20
C ASN A 174 -6.62 4.16 -4.06
N GLY A 175 -6.61 2.90 -3.62
CA GLY A 175 -5.59 2.42 -2.73
C GLY A 175 -6.13 2.05 -1.37
N TYR A 176 -5.21 1.75 -0.48
CA TYR A 176 -5.53 1.21 0.84
C TYR A 176 -6.01 2.32 1.77
N SER A 177 -7.05 2.02 2.54
CA SER A 177 -7.75 3.11 3.23
C SER A 177 -6.83 3.86 4.18
N SER A 178 -5.93 3.17 4.91
CA SER A 178 -5.12 3.91 5.87
C SER A 178 -4.22 4.92 5.17
N ASP A 179 -3.67 4.53 4.01
CA ASP A 179 -2.82 5.43 3.24
C ASP A 179 -3.63 6.59 2.68
N VAL A 180 -4.81 6.30 2.15
CA VAL A 180 -5.67 7.31 1.53
C VAL A 180 -6.14 8.31 2.56
N ILE A 181 -6.56 7.83 3.73
CA ILE A 181 -7.06 8.71 4.78
C ILE A 181 -5.95 9.65 5.25
N THR A 182 -4.73 9.13 5.42
CA THR A 182 -3.64 10.01 5.81
C THR A 182 -3.42 11.09 4.75
N ASN A 183 -3.51 10.72 3.47
CA ASN A 183 -3.28 11.71 2.41
C ASN A 183 -4.38 12.76 2.38
N ILE A 184 -5.62 12.39 2.71
CA ILE A 184 -6.72 13.36 2.73
C ILE A 184 -6.41 14.47 3.73
N THR A 185 -5.92 14.10 4.91
CA THR A 185 -5.62 15.07 5.93
C THR A 185 -4.41 15.92 5.56
N ILE A 186 -3.34 15.30 5.06
CA ILE A 186 -2.17 16.07 4.63
C ILE A 186 -2.56 17.01 3.49
N ASP A 187 -3.34 16.53 2.53
CA ASP A 187 -3.75 17.39 1.43
C ASP A 187 -4.65 18.54 1.93
N TRP A 188 -5.50 18.28 2.92
CA TRP A 188 -6.30 19.37 3.49
C TRP A 188 -5.39 20.39 4.17
N LEU A 189 -4.49 19.91 5.02
CA LEU A 189 -3.55 20.80 5.71
C LEU A 189 -2.72 21.60 4.73
N LYS A 190 -2.32 20.99 3.62
CA LYS A 190 -1.41 21.64 2.69
C LYS A 190 -2.13 22.62 1.78
N ASN A 191 -3.31 22.26 1.29
CA ASN A 191 -3.93 22.96 0.18
C ASN A 191 -5.24 23.66 0.51
N ARG A 192 -5.92 23.28 1.58
CA ARG A 192 -7.23 23.85 1.88
C ARG A 192 -7.26 24.65 3.17
N ARG A 193 -6.53 24.21 4.19
CA ARG A 193 -6.49 24.90 5.46
C ARG A 193 -6.13 26.37 5.27
N ASP A 194 -6.92 27.24 5.90
CA ASP A 194 -6.56 28.66 6.04
C ASP A 194 -5.43 28.79 7.04
N LYS A 195 -4.26 29.23 6.58
CA LYS A 195 -3.08 29.19 7.42
C LYS A 195 -3.06 30.29 8.48
N ASN A 196 -4.04 31.21 8.46
CA ASN A 196 -4.12 32.29 9.43
C ASN A 196 -5.12 32.01 10.54
N LYS A 197 -5.82 30.88 10.49
CA LYS A 197 -6.81 30.50 11.45
C LYS A 197 -6.38 29.20 12.13
N PRO A 198 -6.54 29.05 13.42
CA PRO A 198 -6.26 27.75 14.04
C PRO A 198 -7.24 26.72 13.52
N PHE A 199 -6.85 25.45 13.60
CA PHE A 199 -7.71 24.39 13.13
C PHE A 199 -7.90 23.31 14.19
N PHE A 200 -9.07 22.67 14.11
CA PHE A 200 -9.43 21.51 14.91
C PHE A 200 -9.78 20.41 13.90
N LEU A 201 -8.99 19.34 13.90
CA LEU A 201 -9.15 18.29 12.89
C LEU A 201 -9.32 16.97 13.62
N MET A 202 -10.36 16.22 13.26
CA MET A 202 -10.56 14.87 13.72
C MET A 202 -10.16 13.95 12.58
N HIS A 203 -9.22 13.04 12.86
CA HIS A 203 -8.58 12.22 11.85
C HIS A 203 -8.82 10.76 12.27
N HIS A 204 -9.72 10.06 11.57
CA HIS A 204 -10.26 8.80 12.07
C HIS A 204 -9.87 7.65 11.13
N TYR A 205 -9.14 6.67 11.63
CA TYR A 205 -8.79 5.50 10.84
C TYR A 205 -9.87 4.44 10.94
N LYS A 206 -10.08 3.73 9.85
CA LYS A 206 -10.98 2.57 9.90
C LYS A 206 -10.28 1.37 10.52
N ALA A 207 -9.01 1.15 10.15
CA ALA A 207 -8.21 0.12 10.81
C ALA A 207 -8.03 0.45 12.28
N PRO A 208 -7.85 -0.56 13.16
CA PRO A 208 -7.72 -1.99 12.83
C PRO A 208 -9.02 -2.75 13.06
N HIS A 209 -10.14 -2.15 12.67
CA HIS A 209 -11.43 -2.79 12.91
C HIS A 209 -11.62 -4.02 12.02
N ASP A 210 -12.39 -4.98 12.52
CA ASP A 210 -12.83 -6.13 11.73
C ASP A 210 -13.29 -5.71 10.32
N MET A 211 -12.89 -6.48 9.28
CA MET A 211 -12.27 -7.80 9.36
C MET A 211 -10.73 -7.83 9.28
N PHE A 212 -10.05 -6.78 9.74
CA PHE A 212 -8.60 -6.78 9.77
C PHE A 212 -8.00 -7.07 8.39
N GLU A 213 -8.57 -6.43 7.36
CA GLU A 213 -8.05 -6.47 6.00
C GLU A 213 -6.86 -5.52 5.88
N TYR A 214 -5.69 -6.04 6.17
CA TYR A 214 -4.48 -5.26 6.17
C TYR A 214 -3.98 -5.05 4.73
N ALA A 215 -3.14 -4.04 4.57
CA ALA A 215 -2.57 -3.76 3.25
C ALA A 215 -1.66 -4.91 2.84
N PRO A 216 -1.69 -5.34 1.57
CA PRO A 216 -0.90 -6.53 1.18
C PRO A 216 0.57 -6.42 1.46
N ARG A 217 1.13 -5.22 1.55
CA ARG A 217 2.57 -5.14 1.84
C ARG A 217 2.91 -5.68 3.23
N TYR A 218 1.91 -5.88 4.09
CA TYR A 218 2.14 -6.42 5.43
C TYR A 218 1.81 -7.90 5.55
N LYS A 219 1.57 -8.58 4.42
CA LYS A 219 1.17 -9.99 4.48
C LYS A 219 2.16 -10.85 5.27
N TYR A 220 3.47 -10.61 5.12
CA TYR A 220 4.45 -11.44 5.81
C TYR A 220 5.01 -10.79 7.08
N TYR A 221 4.53 -9.61 7.44
CA TYR A 221 4.83 -9.07 8.75
C TYR A 221 4.37 -10.05 9.83
N LEU A 222 5.27 -10.38 10.75
CA LEU A 222 5.06 -11.32 11.85
C LEU A 222 4.87 -12.76 11.40
N GLU A 223 5.09 -13.08 10.12
CA GLU A 223 4.78 -14.42 9.66
C GLU A 223 5.57 -15.48 10.43
N ASP A 224 6.80 -15.16 10.84
CA ASP A 224 7.69 -16.12 11.48
C ASP A 224 7.82 -15.90 12.98
N THR A 225 7.05 -14.99 13.55
CA THR A 225 7.15 -14.64 14.96
C THR A 225 5.91 -15.14 15.68
N GLU A 226 6.09 -15.79 16.82
CA GLU A 226 4.95 -16.20 17.63
C GLU A 226 4.37 -14.99 18.35
N VAL A 227 3.06 -14.80 18.27
CA VAL A 227 2.47 -13.76 19.12
C VAL A 227 2.34 -14.31 20.54
N PRO A 228 2.87 -13.63 21.56
CA PRO A 228 2.72 -14.11 22.94
C PRO A 228 1.26 -14.35 23.28
N VAL A 229 1.02 -15.46 23.95
CA VAL A 229 -0.32 -15.96 24.25
C VAL A 229 -0.61 -15.70 25.71
N PRO A 230 -1.72 -15.06 26.06
CA PRO A 230 -2.06 -14.92 27.48
C PRO A 230 -2.49 -16.25 28.08
N GLU A 231 -2.09 -16.49 29.33
CA GLU A 231 -2.50 -17.72 30.00
C GLU A 231 -4.02 -17.81 30.11
N SER A 232 -4.70 -16.67 30.12
CA SER A 232 -6.16 -16.69 30.22
C SER A 232 -6.82 -17.11 28.93
N LEU A 233 -6.07 -17.28 27.84
CA LEU A 233 -6.66 -17.86 26.64
C LEU A 233 -7.20 -19.27 26.94
N TYR A 234 -6.47 -20.03 27.75
CA TYR A 234 -6.85 -21.40 28.08
C TYR A 234 -7.42 -21.56 29.48
N ASN A 235 -6.93 -20.77 30.42
CA ASN A 235 -7.30 -20.87 31.84
C ASN A 235 -8.32 -19.79 32.18
N GLN A 236 -9.56 -20.20 32.44
CA GLN A 236 -10.57 -19.29 32.97
C GLN A 236 -11.05 -19.73 34.36
N ASP A 237 -10.23 -20.48 35.09
CA ASP A 237 -10.64 -20.95 36.42
C ASP A 237 -10.73 -19.77 37.37
N GLY A 238 -11.92 -19.49 37.88
CA GLY A 238 -12.12 -18.37 38.77
C GLY A 238 -12.66 -17.12 38.12
N TRP A 239 -12.59 -17.03 36.79
CA TRP A 239 -13.09 -15.87 36.10
C TRP A 239 -14.61 -15.94 35.98
N GLY A 240 -15.25 -14.78 35.93
CA GLY A 240 -16.67 -14.75 35.60
C GLY A 240 -17.56 -15.14 36.76
N SER A 241 -18.80 -15.48 36.43
CA SER A 241 -19.87 -15.64 37.42
C SER A 241 -21.00 -16.40 36.74
N GLU A 242 -22.07 -16.66 37.49
CA GLU A 242 -23.26 -17.25 36.87
C GLU A 242 -23.79 -16.35 35.74
N ALA A 243 -23.60 -15.03 35.85
CA ALA A 243 -24.09 -14.11 34.82
C ALA A 243 -23.39 -14.29 33.49
N THR A 244 -22.13 -14.69 33.50
CA THR A 244 -21.36 -14.83 32.27
C THR A 244 -21.04 -16.27 31.91
N ARG A 245 -21.28 -17.23 32.81
CA ARG A 245 -21.00 -18.65 32.54
C ARG A 245 -22.20 -19.56 32.77
N GLY A 246 -23.26 -19.08 33.41
CA GLY A 246 -24.37 -19.91 33.83
C GLY A 246 -24.05 -20.73 35.08
N LYS A 247 -25.11 -21.16 35.75
CA LYS A 247 -25.00 -22.15 36.81
C LYS A 247 -24.29 -23.38 36.28
N ASN A 248 -23.30 -23.88 37.02
CA ASN A 248 -22.58 -25.09 36.64
C ASN A 248 -21.92 -24.96 35.27
N ASP A 249 -21.57 -23.71 34.89
CA ASP A 249 -21.01 -23.43 33.56
C ASP A 249 -21.95 -23.82 32.42
N SER A 250 -23.26 -23.83 32.70
CA SER A 250 -24.24 -24.26 31.70
C SER A 250 -24.41 -23.28 30.56
N LEU A 251 -23.84 -22.08 30.62
CA LEU A 251 -24.02 -21.11 29.54
C LEU A 251 -22.70 -20.73 28.86
N ARG A 252 -21.64 -21.50 29.05
CA ARG A 252 -20.37 -21.11 28.44
C ARG A 252 -20.38 -21.24 26.92
N HIS A 253 -21.24 -22.11 26.37
CA HIS A 253 -21.42 -22.16 24.92
C HIS A 253 -22.41 -21.12 24.41
N PHE A 254 -23.05 -20.39 25.31
CA PHE A 254 -24.10 -19.44 24.99
C PHE A 254 -23.65 -17.99 25.11
N ILE A 255 -22.92 -17.64 26.17
CA ILE A 255 -22.54 -16.26 26.43
C ILE A 255 -21.11 -16.01 25.97
N GLY A 256 -20.91 -14.93 25.20
CA GLY A 256 -19.57 -14.47 24.95
C GLY A 256 -18.91 -15.21 23.79
N THR A 257 -18.87 -14.59 22.61
CA THR A 257 -18.17 -15.22 21.50
C THR A 257 -16.69 -15.37 21.85
N SER A 258 -16.02 -16.32 21.16
CA SER A 258 -14.78 -16.92 21.65
C SER A 258 -13.72 -16.98 20.55
N ILE A 259 -12.49 -17.26 20.99
CA ILE A 259 -11.41 -17.63 20.08
C ILE A 259 -11.49 -19.12 19.75
N SER A 260 -11.53 -19.94 20.79
CA SER A 260 -11.76 -21.37 20.72
C SER A 260 -13.17 -21.64 20.19
N ARG A 261 -13.50 -22.91 19.99
CA ARG A 261 -14.88 -23.25 19.65
C ARG A 261 -15.79 -23.35 20.87
N ARG A 262 -15.42 -22.71 21.99
CA ARG A 262 -16.30 -22.69 23.16
C ARG A 262 -17.69 -22.19 22.79
N HIS A 263 -17.79 -21.04 22.12
CA HIS A 263 -19.11 -20.50 21.80
C HIS A 263 -19.70 -21.27 20.62
N GLU A 264 -20.96 -21.71 20.75
CA GLU A 264 -21.47 -22.64 19.74
C GLU A 264 -21.78 -21.95 18.41
N ASN A 265 -21.92 -20.63 18.36
CA ASN A 265 -22.38 -19.99 17.14
C ASN A 265 -21.37 -19.05 16.50
N ARG A 266 -20.42 -18.50 17.25
CA ARG A 266 -19.47 -17.56 16.65
C ARG A 266 -18.13 -17.66 17.35
N SER A 267 -17.09 -18.02 16.59
CA SER A 267 -15.73 -18.10 17.11
C SER A 267 -14.76 -17.92 15.97
N TYR A 268 -13.54 -17.46 16.30
CA TYR A 268 -12.50 -17.33 15.30
C TYR A 268 -12.07 -18.69 14.76
N ALA A 269 -11.96 -19.69 15.64
CA ALA A 269 -11.56 -21.02 15.18
C ALA A 269 -12.51 -21.54 14.11
N GLU A 270 -13.83 -21.36 14.31
CA GLU A 270 -14.80 -21.79 13.31
C GLU A 270 -14.77 -20.89 12.08
N ASP A 271 -14.71 -19.57 12.29
CA ASP A 271 -14.65 -18.62 11.16
C ASP A 271 -13.46 -18.90 10.26
N TYR A 272 -12.31 -19.18 10.86
CA TYR A 272 -11.13 -19.50 10.06
C TYR A 272 -11.14 -20.94 9.56
N LYS A 273 -12.15 -21.73 9.95
CA LYS A 273 -12.27 -23.13 9.56
C LYS A 273 -11.00 -23.92 9.90
N ILE A 274 -10.49 -23.69 11.09
CA ILE A 274 -9.33 -24.42 11.58
C ILE A 274 -9.79 -25.74 12.19
N ASN A 275 -9.20 -26.86 11.71
CA ASN A 275 -9.61 -28.17 12.22
C ASN A 275 -8.39 -29.07 12.15
N THR A 276 -7.61 -29.05 13.24
CA THR A 276 -6.37 -29.80 13.33
C THR A 276 -6.52 -31.16 13.99
N GLY A 277 -7.67 -31.43 14.59
CA GLY A 277 -7.87 -32.62 15.38
C GLY A 277 -7.62 -32.43 16.85
N ASP A 278 -7.10 -31.27 17.25
CA ASP A 278 -6.78 -30.97 18.64
C ASP A 278 -7.39 -29.61 18.98
N PRO A 279 -8.38 -29.54 19.87
CA PRO A 279 -9.10 -28.26 20.06
C PRO A 279 -8.21 -27.17 20.62
N LYS A 280 -7.26 -27.53 21.50
CA LYS A 280 -6.33 -26.54 22.01
C LYS A 280 -5.39 -26.05 20.92
N LYS A 281 -5.01 -26.92 19.98
CA LYS A 281 -4.22 -26.41 18.87
C LYS A 281 -5.07 -25.53 17.97
N ASP A 282 -6.34 -25.90 17.75
CA ASP A 282 -7.22 -25.03 16.99
C ASP A 282 -7.28 -23.64 17.62
N THR A 283 -7.45 -23.59 18.93
CA THR A 283 -7.52 -22.30 19.64
C THR A 283 -6.23 -21.52 19.44
N TYR A 284 -5.09 -22.21 19.55
CA TYR A 284 -3.80 -21.54 19.40
C TYR A 284 -3.65 -20.94 18.01
N GLU A 285 -4.04 -21.71 16.98
CA GLU A 285 -3.84 -21.24 15.61
C GLU A 285 -4.80 -20.11 15.29
N ALA A 286 -6.02 -20.17 15.82
CA ALA A 286 -6.96 -19.08 15.60
C ALA A 286 -6.50 -17.82 16.31
N TYR A 287 -6.02 -17.95 17.55
CA TYR A 287 -5.41 -16.81 18.25
C TYR A 287 -4.29 -16.19 17.42
N GLN A 288 -3.34 -17.02 16.95
CA GLN A 288 -2.21 -16.48 16.21
C GLN A 288 -2.68 -15.75 14.96
N ARG A 289 -3.62 -16.34 14.22
CA ARG A 289 -4.06 -15.70 13.00
C ARG A 289 -4.82 -14.41 13.28
N TYR A 290 -5.70 -14.43 14.28
CA TYR A 290 -6.38 -13.22 14.71
C TYR A 290 -5.38 -12.12 15.08
N LEU A 291 -4.45 -12.42 15.97
CA LEU A 291 -3.53 -11.40 16.44
C LEU A 291 -2.65 -10.89 15.30
N LYS A 292 -2.15 -11.78 14.43
CA LYS A 292 -1.28 -11.30 13.36
C LYS A 292 -2.04 -10.42 12.37
N ASP A 293 -3.24 -10.83 11.95
CA ASP A 293 -4.02 -9.97 11.05
C ASP A 293 -4.30 -8.62 11.71
N TYR A 294 -4.69 -8.66 12.99
CA TYR A 294 -4.94 -7.42 13.71
C TYR A 294 -3.70 -6.52 13.78
N LEU A 295 -2.55 -7.11 14.09
CA LEU A 295 -1.35 -6.30 14.25
C LEU A 295 -0.82 -5.82 12.91
N ARG A 296 -1.15 -6.50 11.81
CA ARG A 296 -0.81 -5.96 10.48
C ARG A 296 -1.62 -4.71 10.17
N CYS A 297 -2.89 -4.67 10.57
CA CYS A 297 -3.68 -3.44 10.44
C CYS A 297 -3.14 -2.33 11.32
N VAL A 298 -2.79 -2.64 12.57
CA VAL A 298 -2.17 -1.65 13.46
C VAL A 298 -0.91 -1.11 12.83
N LYS A 299 -0.09 -1.99 12.24
CA LYS A 299 1.16 -1.56 11.64
C LYS A 299 0.92 -0.57 10.51
N GLY A 300 -0.12 -0.81 9.69
CA GLY A 300 -0.44 0.14 8.63
C GLY A 300 -0.78 1.53 9.17
N VAL A 301 -1.51 1.58 10.27
CA VAL A 301 -1.80 2.89 10.85
C VAL A 301 -0.52 3.54 11.37
N ASP A 302 0.29 2.75 12.09
CA ASP A 302 1.49 3.32 12.69
C ASP A 302 2.45 3.84 11.62
N ASP A 303 2.58 3.12 10.50
CA ASP A 303 3.44 3.59 9.41
C ASP A 303 2.91 4.90 8.81
N ASN A 304 1.59 5.02 8.69
CA ASN A 304 1.00 6.24 8.14
C ASN A 304 1.19 7.43 9.06
N LEU A 305 1.21 7.19 10.37
CA LEU A 305 1.43 8.28 11.30
C LEU A 305 2.82 8.87 11.15
N LYS A 306 3.81 8.03 10.81
CA LYS A 306 5.14 8.57 10.49
C LYS A 306 5.03 9.63 9.39
N ARG A 307 4.25 9.33 8.34
CA ARG A 307 4.11 10.28 7.24
C ARG A 307 3.37 11.53 7.69
N LEU A 308 2.30 11.38 8.45
CA LEU A 308 1.59 12.55 8.96
C LEU A 308 2.48 13.36 9.90
N PHE A 309 3.20 12.69 10.81
CA PHE A 309 3.98 13.43 11.78
C PHE A 309 5.16 14.13 11.10
N ASP A 310 5.76 13.47 10.11
CA ASP A 310 6.85 14.07 9.36
C ASP A 310 6.36 15.32 8.62
N TYR A 311 5.15 15.26 8.06
CA TYR A 311 4.59 16.45 7.40
C TYR A 311 4.39 17.58 8.40
N LEU A 312 3.78 17.28 9.56
CA LEU A 312 3.50 18.33 10.52
C LEU A 312 4.79 19.01 10.98
N LYS A 313 5.85 18.23 11.14
CA LYS A 313 7.16 18.81 11.47
C LYS A 313 7.67 19.69 10.36
N LYS A 314 7.62 19.19 9.12
CA LYS A 314 8.12 19.95 7.97
C LYS A 314 7.33 21.24 7.79
N GLU A 315 6.03 21.20 8.01
CA GLU A 315 5.18 22.36 7.75
C GLU A 315 5.25 23.38 8.88
N GLY A 316 5.91 23.05 9.98
CA GLY A 316 5.99 23.96 11.10
C GLY A 316 4.82 23.89 12.06
N LEU A 317 4.06 22.81 12.06
CA LEU A 317 2.90 22.67 12.93
C LEU A 317 3.18 21.87 14.18
N TRP A 318 4.34 21.19 14.26
CA TRP A 318 4.59 20.28 15.36
C TRP A 318 4.62 21.01 16.70
N GLU A 319 5.13 22.24 16.73
CA GLU A 319 5.24 22.94 18.00
C GLU A 319 4.04 23.81 18.32
N ASN A 320 3.03 23.89 17.46
CA ASN A 320 1.85 24.65 17.85
C ASN A 320 0.56 23.83 17.68
N THR A 321 0.66 22.51 17.71
CA THR A 321 -0.51 21.66 17.54
C THR A 321 -0.55 20.63 18.64
N ILE A 322 -1.67 20.57 19.36
CA ILE A 322 -1.91 19.48 20.30
C ILE A 322 -2.28 18.23 19.50
N ILE A 323 -1.61 17.13 19.80
CA ILE A 323 -1.89 15.88 19.10
C ILE A 323 -2.39 14.86 20.11
N VAL A 324 -3.54 14.28 19.81
CA VAL A 324 -4.12 13.21 20.60
C VAL A 324 -4.10 11.94 19.75
N TYR A 325 -3.70 10.83 20.34
CA TYR A 325 -3.90 9.52 19.73
C TYR A 325 -4.73 8.67 20.66
N THR A 326 -5.82 8.10 20.13
CA THR A 326 -6.68 7.28 20.97
C THR A 326 -7.35 6.21 20.13
N GLY A 327 -7.90 5.20 20.80
CA GLY A 327 -8.81 4.25 20.19
C GLY A 327 -10.17 4.41 20.84
N ASP A 328 -11.24 4.23 20.05
CA ASP A 328 -12.56 4.56 20.60
C ASP A 328 -12.96 3.63 21.75
N GLN A 329 -12.57 2.36 21.71
CA GLN A 329 -12.55 1.54 22.91
C GLN A 329 -11.47 0.49 22.71
N GLY A 330 -11.27 -0.34 23.73
CA GLY A 330 -10.33 -1.43 23.63
C GLY A 330 -10.97 -2.62 22.91
N MET A 331 -10.31 -3.77 23.06
CA MET A 331 -10.74 -4.98 22.40
C MET A 331 -10.18 -6.17 23.18
N MET A 332 -10.99 -7.22 23.34
CA MET A 332 -10.50 -8.46 23.91
C MET A 332 -9.69 -9.15 22.82
N LEU A 333 -8.40 -9.30 23.06
CA LEU A 333 -7.53 -10.03 22.14
C LEU A 333 -7.33 -11.45 22.65
N GLY A 334 -8.43 -12.15 22.89
CA GLY A 334 -8.36 -13.50 23.39
C GLY A 334 -8.26 -13.66 24.89
N GLU A 335 -8.10 -12.57 25.66
CA GLU A 335 -8.08 -12.70 27.12
C GLU A 335 -9.37 -13.38 27.57
N HIS A 336 -9.24 -14.37 28.45
CA HIS A 336 -10.38 -15.15 28.94
C HIS A 336 -11.10 -15.88 27.82
N ASP A 337 -10.44 -16.08 26.67
CA ASP A 337 -11.06 -16.68 25.49
C ASP A 337 -12.24 -15.83 24.99
N LEU A 338 -12.13 -14.51 25.08
CA LEU A 338 -13.17 -13.62 24.57
C LEU A 338 -12.65 -12.83 23.36
N GLN A 339 -13.59 -12.31 22.58
CA GLN A 339 -13.27 -11.43 21.46
C GLN A 339 -14.18 -10.21 21.47
N ASP A 340 -13.88 -9.28 20.58
CA ASP A 340 -14.62 -8.03 20.42
C ASP A 340 -14.53 -7.17 21.68
N LYS A 341 -15.43 -6.21 21.83
CA LYS A 341 -15.33 -5.27 22.94
C LYS A 341 -16.58 -5.43 23.82
N ARG A 342 -17.30 -4.34 24.12
CA ARG A 342 -18.57 -4.39 24.83
C ARG A 342 -18.43 -4.76 26.31
N TRP A 343 -17.63 -5.78 26.60
CA TRP A 343 -17.35 -6.16 27.98
C TRP A 343 -16.76 -5.01 28.77
N MET A 344 -17.09 -4.98 30.07
CA MET A 344 -16.42 -4.05 30.97
C MET A 344 -15.05 -4.53 31.41
N TYR A 345 -14.62 -5.75 31.05
CA TYR A 345 -13.28 -6.18 31.41
C TYR A 345 -12.26 -5.20 30.85
N ASP A 346 -11.15 -5.05 31.55
CA ASP A 346 -10.28 -3.90 31.36
C ASP A 346 -9.76 -3.78 29.93
N GLU A 347 -9.53 -4.89 29.23
CA GLU A 347 -8.95 -4.79 27.90
C GLU A 347 -9.89 -4.05 26.95
N SER A 348 -11.20 -4.23 27.12
CA SER A 348 -12.26 -3.64 26.33
C SER A 348 -12.63 -2.25 26.82
N MET A 349 -12.65 -2.08 28.14
CA MET A 349 -13.10 -0.84 28.76
C MET A 349 -12.04 0.25 28.63
N ARG A 350 -10.78 -0.11 28.73
CA ARG A 350 -9.72 0.89 28.69
C ARG A 350 -9.46 1.36 27.27
N MET A 351 -9.37 2.66 27.11
CA MET A 351 -8.97 3.25 25.86
C MET A 351 -7.51 3.63 25.95
N PRO A 352 -6.70 3.34 24.94
CA PRO A 352 -5.39 4.01 24.89
C PRO A 352 -5.64 5.49 24.63
N PHE A 353 -4.86 6.35 25.27
CA PHE A 353 -5.09 7.79 25.16
C PHE A 353 -3.77 8.50 25.44
N ILE A 354 -3.20 9.10 24.40
CA ILE A 354 -1.89 9.72 24.41
C ILE A 354 -2.07 11.15 23.93
N VAL A 355 -1.53 12.12 24.67
CA VAL A 355 -1.69 13.54 24.34
C VAL A 355 -0.30 14.17 24.36
N ARG A 356 0.06 14.82 23.27
CA ARG A 356 1.25 15.64 23.22
C ARG A 356 0.81 17.09 23.12
N ASP A 357 1.09 17.84 24.17
CA ASP A 357 0.77 19.27 24.23
C ASP A 357 2.11 19.99 24.17
N PRO A 358 2.44 20.67 23.08
CA PRO A 358 3.81 21.20 22.94
C PRO A 358 4.14 22.33 23.90
N LYS A 359 3.15 22.94 24.55
CA LYS A 359 3.43 23.95 25.55
C LYS A 359 3.57 23.36 26.95
N SER A 360 3.32 22.06 27.12
CA SER A 360 3.37 21.44 28.43
C SER A 360 4.78 20.92 28.72
N LYS A 361 5.10 20.83 30.00
CA LYS A 361 6.34 20.19 30.43
C LYS A 361 6.13 18.70 30.72
N GLN A 362 4.90 18.22 30.58
CA GLN A 362 4.61 16.79 30.80
C GLN A 362 4.89 16.09 29.48
N ARG A 363 6.12 15.61 29.33
CA ARG A 363 6.60 15.06 28.06
C ARG A 363 7.39 13.80 28.34
N GLY A 364 6.88 12.66 27.89
CA GLY A 364 7.53 11.41 28.20
C GLY A 364 7.14 10.85 29.54
N VAL A 365 5.92 11.11 29.98
CA VAL A 365 5.47 10.71 31.31
C VAL A 365 4.16 9.94 31.18
N HIS A 366 3.84 9.15 32.20
CA HIS A 366 2.54 8.51 32.33
C HIS A 366 1.74 9.23 33.40
N ASN A 367 0.41 9.20 33.25
CA ASN A 367 -0.49 9.82 34.23
C ASN A 367 -1.61 8.85 34.57
N ASP A 368 -1.89 8.67 35.86
CA ASP A 368 -2.82 7.64 36.30
C ASP A 368 -4.17 8.18 36.73
N LEU A 369 -4.46 9.44 36.44
CA LEU A 369 -5.78 9.99 36.74
C LEU A 369 -6.88 9.17 36.08
N MET A 370 -7.96 8.93 36.81
CA MET A 370 -9.08 8.17 36.28
C MET A 370 -9.90 9.08 35.40
N ILE A 371 -9.90 8.83 34.08
CA ILE A 371 -10.59 9.72 33.14
C ILE A 371 -11.47 8.90 32.20
N ASN A 372 -12.42 9.59 31.57
CA ASN A 372 -13.37 8.98 30.63
C ASN A 372 -13.35 9.71 29.30
N ASN A 373 -13.83 9.00 28.28
CA ASN A 373 -14.04 9.63 26.99
C ASN A 373 -14.99 10.83 27.09
N ILE A 374 -15.92 10.84 28.05
CA ILE A 374 -16.77 12.02 28.20
C ILE A 374 -15.98 13.23 28.70
N ASP A 375 -14.77 13.05 29.21
CA ASP A 375 -13.97 14.18 29.65
C ASP A 375 -13.14 14.81 28.54
N PHE A 376 -13.06 14.17 27.35
CA PHE A 376 -12.17 14.64 26.29
C PHE A 376 -12.56 16.02 25.81
N ALA A 377 -13.84 16.21 25.48
CA ALA A 377 -14.25 17.48 24.88
C ALA A 377 -14.03 18.65 25.81
N PRO A 378 -14.45 18.62 27.09
CA PRO A 378 -14.15 19.77 27.96
C PRO A 378 -12.65 19.99 28.14
N THR A 379 -11.85 18.93 28.15
CA THR A 379 -10.41 19.10 28.35
C THR A 379 -9.77 19.74 27.12
N LEU A 380 -10.12 19.25 25.92
CA LEU A 380 -9.60 19.83 24.70
C LEU A 380 -10.01 21.28 24.55
N ILE A 381 -11.26 21.60 24.87
CA ILE A 381 -11.73 22.98 24.75
C ILE A 381 -10.90 23.90 25.66
N GLU A 382 -10.63 23.48 26.89
CA GLU A 382 -9.82 24.29 27.79
C GLU A 382 -8.37 24.36 27.33
N LEU A 383 -7.83 23.23 26.85
CA LEU A 383 -6.45 23.25 26.34
C LEU A 383 -6.31 24.21 25.17
N ALA A 384 -7.38 24.41 24.41
CA ALA A 384 -7.34 25.32 23.28
C ALA A 384 -7.69 26.75 23.67
N GLY A 385 -7.91 27.01 24.97
CA GLY A 385 -8.16 28.35 25.46
C GLY A 385 -9.59 28.65 25.83
N GLY A 386 -10.49 27.67 25.74
CA GLY A 386 -11.89 27.87 26.06
C GLY A 386 -12.25 27.51 27.49
N LYS A 387 -13.54 27.41 27.74
CA LYS A 387 -14.06 27.06 29.05
C LYS A 387 -14.86 25.77 28.94
N ALA A 388 -14.65 24.86 29.88
CA ALA A 388 -15.39 23.60 29.92
C ALA A 388 -16.88 23.87 29.87
N PRO A 389 -17.60 23.35 28.88
CA PRO A 389 -19.04 23.62 28.78
C PRO A 389 -19.80 23.01 29.95
N LYS A 390 -20.73 23.79 30.52
CA LYS A 390 -21.41 23.31 31.73
C LYS A 390 -22.54 22.32 31.42
N TYR A 391 -23.00 22.24 30.17
CA TYR A 391 -24.03 21.26 29.81
C TYR A 391 -23.46 19.86 29.60
N MET A 392 -22.15 19.68 29.68
CA MET A 392 -21.56 18.37 29.47
C MET A 392 -21.47 17.63 30.81
N ASP A 393 -21.51 16.30 30.73
CA ASP A 393 -21.26 15.48 31.91
C ASP A 393 -19.79 15.45 32.26
N GLY A 394 -18.92 15.44 31.26
CA GLY A 394 -17.50 15.37 31.51
C GLY A 394 -16.96 16.68 32.04
N LYS A 395 -15.74 16.61 32.60
CA LYS A 395 -15.04 17.77 33.14
C LYS A 395 -13.65 17.82 32.55
N SER A 396 -13.01 18.98 32.71
CA SER A 396 -11.70 19.20 32.11
C SER A 396 -10.60 18.70 33.03
N PHE A 397 -9.73 17.82 32.53
CA PHE A 397 -8.51 17.49 33.25
C PHE A 397 -7.30 18.23 32.69
N ALA A 398 -7.52 19.40 32.08
CA ALA A 398 -6.43 20.15 31.46
C ALA A 398 -5.31 20.48 32.46
N ASP A 399 -5.63 20.59 33.76
CA ASP A 399 -4.60 20.87 34.76
C ASP A 399 -3.45 19.86 34.74
N VAL A 400 -3.73 18.63 34.28
CA VAL A 400 -2.69 17.61 34.20
C VAL A 400 -1.49 18.10 33.41
N PHE A 401 -1.74 18.90 32.38
CA PHE A 401 -0.68 19.37 31.51
C PHE A 401 0.08 20.55 32.10
N GLU A 402 -0.32 21.02 33.27
CA GLU A 402 0.49 21.94 34.05
C GLU A 402 1.10 21.28 35.26
N GLY A 403 1.09 19.94 35.32
CA GLY A 403 1.64 19.21 36.43
C GLY A 403 0.82 19.19 37.70
N LYS A 404 -0.49 19.41 37.60
CA LYS A 404 -1.37 19.47 38.78
C LYS A 404 -2.57 18.54 38.60
N THR A 405 -2.93 17.85 39.68
CA THR A 405 -4.16 17.07 39.68
C THR A 405 -5.35 18.03 39.67
N PRO A 406 -6.32 17.86 38.77
CA PRO A 406 -7.45 18.78 38.74
C PRO A 406 -8.26 18.71 40.02
N ALA A 407 -8.88 19.84 40.36
CA ALA A 407 -9.60 19.94 41.62
C ALA A 407 -10.78 18.98 41.66
N ASN A 408 -10.93 18.29 42.79
CA ASN A 408 -12.12 17.49 43.07
C ASN A 408 -12.38 16.48 41.96
N TRP A 409 -11.31 15.90 41.43
CA TRP A 409 -11.45 14.96 40.33
C TRP A 409 -11.97 13.62 40.87
N LYS A 410 -12.82 12.96 40.07
CA LYS A 410 -13.40 11.68 40.48
C LYS A 410 -12.31 10.66 40.78
N ASP A 411 -12.63 9.71 41.66
CA ASP A 411 -11.78 8.56 41.88
C ASP A 411 -12.46 7.25 41.46
N GLU A 412 -13.56 7.35 40.71
CA GLU A 412 -14.30 6.19 40.23
C GLU A 412 -14.96 6.56 38.91
N VAL A 413 -15.24 5.55 38.09
CA VAL A 413 -15.91 5.78 36.82
C VAL A 413 -17.08 4.81 36.72
N TYR A 414 -18.10 5.25 36.00
CA TYR A 414 -19.31 4.49 35.75
C TYR A 414 -19.24 3.86 34.38
N TYR A 415 -19.83 2.67 34.25
CA TYR A 415 -19.81 1.94 32.99
C TYR A 415 -21.18 1.32 32.76
N ARG A 416 -21.67 1.36 31.53
CA ARG A 416 -22.87 0.61 31.21
C ARG A 416 -22.85 0.16 29.76
N TYR A 417 -23.05 -1.14 29.54
CA TYR A 417 -23.22 -1.71 28.21
C TYR A 417 -24.69 -2.10 28.07
N TRP A 418 -25.37 -1.48 27.11
CA TRP A 418 -26.80 -1.65 26.93
C TRP A 418 -27.19 -2.75 25.94
N MET A 419 -26.31 -3.10 25.00
CA MET A 419 -26.75 -3.82 23.78
C MET A 419 -26.81 -5.32 24.05
N HIS A 420 -27.74 -5.69 24.93
CA HIS A 420 -27.82 -7.05 25.46
C HIS A 420 -27.86 -8.10 24.35
N MET A 421 -26.87 -9.00 24.33
CA MET A 421 -26.76 -10.21 23.51
C MET A 421 -26.47 -10.00 22.02
N ILE A 422 -26.86 -8.85 21.47
CA ILE A 422 -26.79 -8.69 20.01
C ILE A 422 -25.35 -8.80 19.51
N HIS A 423 -25.19 -9.51 18.38
CA HIS A 423 -23.93 -9.74 17.66
C HIS A 423 -22.97 -10.70 18.34
N HIS A 424 -22.67 -10.50 19.63
CA HIS A 424 -21.62 -11.26 20.26
C HIS A 424 -22.09 -11.95 21.54
N ASP A 425 -23.40 -11.97 21.80
CA ASP A 425 -23.96 -12.71 22.93
C ASP A 425 -23.33 -12.28 24.25
N ILE A 426 -23.16 -10.97 24.42
CA ILE A 426 -22.66 -10.39 25.66
C ILE A 426 -23.82 -9.79 26.44
N PRO A 427 -24.00 -10.14 27.71
CA PRO A 427 -25.15 -9.63 28.45
C PRO A 427 -24.94 -8.19 28.88
N ALA A 428 -26.04 -7.46 28.96
CA ALA A 428 -26.00 -6.06 29.38
C ALA A 428 -25.58 -5.96 30.85
N HIS A 429 -24.80 -4.92 31.18
CA HIS A 429 -24.30 -4.78 32.54
C HIS A 429 -23.98 -3.32 32.85
N ILE A 430 -23.97 -2.99 34.14
CA ILE A 430 -23.43 -1.73 34.63
C ILE A 430 -22.25 -2.06 35.53
N GLY A 431 -21.46 -1.03 35.83
CA GLY A 431 -20.37 -1.29 36.75
C GLY A 431 -19.75 0.00 37.23
N ILE A 432 -18.86 -0.14 38.20
CA ILE A 432 -18.05 0.96 38.68
C ILE A 432 -16.62 0.46 38.82
N ARG A 433 -15.67 1.30 38.42
CA ARG A 433 -14.27 0.96 38.56
C ARG A 433 -13.58 2.06 39.36
N THR A 434 -12.83 1.67 40.38
CA THR A 434 -11.90 2.56 41.05
C THR A 434 -10.49 2.20 40.64
N LYS A 435 -9.50 2.84 41.25
CA LYS A 435 -8.13 2.40 41.05
C LYS A 435 -7.88 1.03 41.66
N ASP A 436 -8.69 0.63 42.64
CA ASP A 436 -8.41 -0.59 43.41
C ASP A 436 -9.31 -1.76 43.06
N TYR A 437 -10.57 -1.51 42.70
CA TYR A 437 -11.55 -2.57 42.51
C TYR A 437 -12.44 -2.26 41.31
N LYS A 438 -13.00 -3.32 40.73
CA LYS A 438 -14.07 -3.18 39.74
C LYS A 438 -15.24 -4.02 40.19
N LEU A 439 -16.43 -3.43 40.20
CA LEU A 439 -17.66 -4.14 40.50
C LEU A 439 -18.55 -4.09 39.26
N ILE A 440 -18.96 -5.27 38.78
CA ILE A 440 -19.83 -5.38 37.62
C ILE A 440 -21.16 -5.97 38.08
N LEU A 441 -22.26 -5.40 37.61
CA LEU A 441 -23.58 -5.96 37.84
C LEU A 441 -24.18 -6.31 36.47
N PHE A 442 -24.25 -7.60 36.17
CA PHE A 442 -24.90 -8.05 34.94
C PHE A 442 -26.39 -8.12 35.19
N TYR A 443 -27.16 -7.27 34.50
CA TYR A 443 -28.60 -7.30 34.70
C TYR A 443 -29.33 -8.06 33.60
N GLY A 444 -28.67 -8.28 32.45
CA GLY A 444 -29.04 -9.34 31.52
C GLY A 444 -30.36 -9.20 30.79
N ARG A 445 -30.73 -7.98 30.41
CA ARG A 445 -31.94 -7.71 29.65
C ARG A 445 -31.63 -6.63 28.64
N HIS A 446 -32.38 -6.62 27.54
CA HIS A 446 -32.34 -5.53 26.59
C HIS A 446 -33.38 -4.47 27.00
N TYR A 447 -33.01 -3.21 26.86
CA TYR A 447 -33.91 -2.13 27.26
C TYR A 447 -35.12 -2.02 26.33
N ASP A 448 -35.05 -2.57 25.14
CA ASP A 448 -36.16 -2.49 24.18
C ASP A 448 -36.93 -3.80 24.21
N GLU A 449 -38.16 -3.76 24.75
CA GLU A 449 -38.92 -5.00 24.93
C GLU A 449 -39.16 -5.71 23.62
N LYS A 450 -39.35 -4.96 22.52
CA LYS A 450 -39.55 -5.59 21.23
C LYS A 450 -38.32 -6.34 20.75
N THR A 451 -37.13 -6.03 21.28
CA THR A 451 -35.93 -6.74 20.87
C THR A 451 -35.75 -8.04 21.65
N MET A 452 -36.32 -8.11 22.85
CA MET A 452 -36.30 -9.35 23.59
C MET A 452 -36.98 -10.43 22.77
N GLY A 453 -36.34 -11.59 22.69
CA GLY A 453 -36.90 -12.71 21.94
C GLY A 453 -36.52 -12.78 20.48
N THR A 454 -35.79 -11.81 19.95
CA THR A 454 -35.31 -11.84 18.56
C THR A 454 -34.00 -12.60 18.48
N PRO A 455 -33.54 -12.96 17.27
CA PRO A 455 -32.23 -13.61 17.16
C PRO A 455 -31.13 -12.61 17.46
N SER A 456 -30.12 -13.05 18.22
CA SER A 456 -29.00 -12.17 18.54
C SER A 456 -28.08 -11.97 17.35
N MET A 457 -28.03 -12.92 16.42
CA MET A 457 -27.15 -12.87 15.26
C MET A 457 -28.02 -13.02 14.02
N TRP A 458 -28.28 -11.91 13.33
CA TRP A 458 -29.26 -11.92 12.23
C TRP A 458 -28.86 -12.90 11.13
N TRP A 459 -27.57 -13.10 10.92
CA TRP A 459 -27.13 -14.00 9.86
C TRP A 459 -27.36 -15.46 10.21
N LEU A 460 -27.74 -15.76 11.46
CA LEU A 460 -28.07 -17.11 11.86
C LEU A 460 -29.55 -17.25 12.21
N ARG A 461 -30.38 -16.30 11.78
CA ARG A 461 -31.82 -16.45 11.85
C ARG A 461 -32.21 -17.74 11.15
N ASP A 462 -32.97 -18.59 11.84
CA ASP A 462 -33.36 -19.89 11.31
C ASP A 462 -32.14 -20.78 10.99
N LYS A 463 -30.99 -20.46 11.58
CA LYS A 463 -29.84 -21.35 11.60
C LYS A 463 -29.29 -21.48 13.02
N GLY A 464 -30.16 -21.32 14.02
CA GLY A 464 -29.75 -21.64 15.37
C GLY A 464 -29.13 -20.50 16.16
N SER A 465 -29.33 -19.26 15.73
CA SER A 465 -28.92 -18.12 16.53
C SER A 465 -29.51 -18.23 17.92
N HIS A 466 -28.72 -17.86 18.92
CA HIS A 466 -29.31 -17.67 20.24
C HIS A 466 -30.30 -16.52 20.18
N LYS A 467 -31.22 -16.48 21.13
CA LYS A 467 -32.22 -15.43 21.18
C LYS A 467 -31.87 -14.42 22.26
N VAL A 468 -32.41 -13.20 22.12
CA VAL A 468 -32.15 -12.12 23.08
C VAL A 468 -33.06 -12.38 24.27
N VAL A 469 -32.55 -13.08 25.29
CA VAL A 469 -33.38 -13.50 26.41
C VAL A 469 -32.69 -13.12 27.71
N GLN A 470 -33.45 -13.16 28.80
CA GLN A 470 -32.89 -12.85 30.11
C GLN A 470 -31.76 -13.82 30.45
N THR A 471 -30.64 -13.27 30.90
CA THR A 471 -29.50 -14.06 31.35
C THR A 471 -29.34 -13.83 32.84
N PRO A 472 -28.57 -14.67 33.55
CA PRO A 472 -28.57 -14.59 35.03
C PRO A 472 -28.07 -13.25 35.53
N VAL A 473 -28.66 -12.79 36.63
CA VAL A 473 -28.25 -11.55 37.29
C VAL A 473 -27.19 -11.88 38.35
N ALA A 474 -26.01 -11.28 38.25
CA ALA A 474 -24.97 -11.54 39.25
C ALA A 474 -23.98 -10.40 39.26
N PHE A 475 -23.21 -10.33 40.34
CA PHE A 475 -22.08 -9.42 40.50
C PHE A 475 -20.76 -10.13 40.19
N GLU A 476 -19.80 -9.37 39.69
CA GLU A 476 -18.42 -9.80 39.65
C GLU A 476 -17.60 -8.70 40.30
N LEU A 477 -16.60 -9.09 41.08
CA LEU A 477 -15.75 -8.15 41.80
C LEU A 477 -14.31 -8.59 41.58
N TYR A 478 -13.48 -7.68 41.09
CA TYR A 478 -12.08 -7.95 40.82
C TYR A 478 -11.21 -7.03 41.66
N ASP A 479 -10.22 -7.61 42.32
CA ASP A 479 -9.20 -6.90 43.11
C ASP A 479 -8.12 -6.48 42.13
N LEU A 480 -8.14 -5.21 41.71
CA LEU A 480 -7.29 -4.84 40.59
C LEU A 480 -5.82 -4.74 40.97
N LYS A 481 -5.51 -4.59 42.26
CA LYS A 481 -4.09 -4.54 42.64
C LYS A 481 -3.48 -5.94 42.66
N LYS A 482 -4.19 -6.91 43.25
CA LYS A 482 -3.68 -8.27 43.33
C LYS A 482 -3.91 -9.05 42.04
N ASP A 483 -4.86 -8.62 41.23
CA ASP A 483 -5.37 -9.43 40.12
C ASP A 483 -5.69 -8.49 38.95
N PRO A 484 -4.69 -7.77 38.45
CA PRO A 484 -4.96 -6.79 37.37
C PRO A 484 -5.47 -7.43 36.09
N MET A 485 -5.21 -8.72 35.86
CA MET A 485 -5.74 -9.40 34.68
C MET A 485 -7.18 -9.87 34.87
N GLU A 486 -7.78 -9.60 36.01
CA GLU A 486 -9.18 -9.98 36.30
C GLU A 486 -9.40 -11.48 36.12
N MET A 487 -8.51 -12.28 36.68
CA MET A 487 -8.66 -13.73 36.59
C MET A 487 -9.59 -14.29 37.63
N LYS A 488 -9.89 -13.56 38.70
CA LYS A 488 -10.53 -14.15 39.87
C LYS A 488 -11.66 -13.27 40.39
N ASN A 489 -12.88 -13.69 40.15
CA ASN A 489 -14.05 -13.00 40.68
C ASN A 489 -14.13 -13.28 42.17
N VAL A 490 -13.93 -12.26 43.01
CA VAL A 490 -13.95 -12.46 44.45
C VAL A 490 -15.26 -11.95 45.07
N ALA A 491 -16.32 -11.80 44.27
CA ALA A 491 -17.55 -11.25 44.84
C ALA A 491 -18.11 -12.15 45.92
N ASN A 492 -17.95 -13.46 45.79
CA ASN A 492 -18.50 -14.41 46.76
C ASN A 492 -17.46 -14.87 47.77
N ASP A 493 -16.30 -14.21 47.82
CA ASP A 493 -15.25 -14.56 48.76
C ASP A 493 -15.52 -13.86 50.08
N PRO A 494 -15.62 -14.59 51.20
CA PRO A 494 -15.90 -13.93 52.50
C PRO A 494 -14.94 -12.80 52.85
N GLU A 495 -13.65 -12.95 52.52
CA GLU A 495 -12.64 -11.93 52.79
C GLU A 495 -12.99 -10.58 52.15
N TYR A 496 -13.84 -10.58 51.13
CA TYR A 496 -14.15 -9.36 50.39
C TYR A 496 -15.54 -8.84 50.70
N LYS A 497 -16.18 -9.38 51.74
CA LYS A 497 -17.55 -9.01 52.09
C LYS A 497 -17.70 -7.51 52.24
N ASP A 498 -16.80 -6.86 53.00
CA ASP A 498 -16.92 -5.43 53.23
C ASP A 498 -16.67 -4.64 51.95
N VAL A 499 -15.67 -5.04 51.17
CA VAL A 499 -15.38 -4.32 49.93
C VAL A 499 -16.60 -4.38 49.01
N LEU A 500 -17.19 -5.57 48.90
CA LEU A 500 -18.36 -5.71 48.03
C LEU A 500 -19.50 -4.81 48.49
N LYS A 501 -19.77 -4.80 49.79
CA LYS A 501 -20.84 -3.94 50.29
C LYS A 501 -20.54 -2.48 49.97
N ASP A 502 -19.30 -2.04 50.19
CA ASP A 502 -18.94 -0.65 49.92
C ASP A 502 -19.03 -0.33 48.43
N MET A 503 -18.61 -1.26 47.58
CA MET A 503 -18.66 -0.99 46.14
C MET A 503 -20.09 -0.93 45.63
N LYS A 504 -21.00 -1.72 46.21
CA LYS A 504 -22.39 -1.65 45.79
C LYS A 504 -23.02 -0.31 46.13
N VAL A 505 -22.70 0.23 47.31
CA VAL A 505 -23.16 1.57 47.68
C VAL A 505 -22.61 2.61 46.72
N ARG A 506 -21.31 2.52 46.43
CA ARG A 506 -20.70 3.47 45.50
C ARG A 506 -21.36 3.39 44.13
N LEU A 507 -21.64 2.17 43.65
CA LEU A 507 -22.31 2.00 42.36
C LEU A 507 -23.72 2.57 42.40
N ALA A 508 -24.47 2.27 43.46
CA ALA A 508 -25.84 2.76 43.52
C ALA A 508 -25.89 4.28 43.52
N LYS A 509 -24.96 4.91 44.25
CA LYS A 509 -25.00 6.36 44.36
C LYS A 509 -24.56 7.03 43.06
N LEU A 510 -23.47 6.53 42.45
CA LEU A 510 -23.01 7.08 41.18
C LEU A 510 -24.10 7.00 40.12
N ARG A 511 -24.79 5.86 40.03
CA ARG A 511 -25.84 5.68 39.03
C ARG A 511 -26.96 6.71 39.22
N GLU A 512 -27.41 6.90 40.46
CA GLU A 512 -28.37 7.96 40.75
C GLU A 512 -27.80 9.33 40.43
N LYS A 513 -26.53 9.57 40.78
CA LYS A 513 -25.99 10.91 40.58
C LYS A 513 -25.87 11.27 39.11
N VAL A 514 -25.50 10.31 38.25
CA VAL A 514 -25.40 10.67 36.83
C VAL A 514 -26.73 10.59 36.12
N GLY A 515 -27.79 10.20 36.81
CA GLY A 515 -29.13 10.17 36.22
C GLY A 515 -29.49 8.93 35.43
N ASP A 516 -28.72 7.85 35.55
CA ASP A 516 -28.99 6.64 34.78
C ASP A 516 -29.90 5.68 35.54
N THR A 517 -31.10 6.16 35.87
CA THR A 517 -31.94 5.47 36.85
C THR A 517 -33.10 4.67 36.24
N ASP A 518 -33.17 4.55 34.91
CA ASP A 518 -34.05 3.56 34.25
C ASP A 518 -35.55 3.76 34.49
N GLU A 519 -36.01 5.00 34.69
CA GLU A 519 -37.45 5.20 34.79
C GLU A 519 -38.17 4.78 33.52
N LYS A 520 -37.51 4.87 32.37
CA LYS A 520 -38.11 4.46 31.11
C LYS A 520 -38.18 2.95 30.93
N TYR A 521 -37.43 2.18 31.73
CA TYR A 521 -37.25 0.74 31.55
C TYR A 521 -37.57 0.01 32.85
N PRO A 522 -38.87 -0.15 33.15
CA PRO A 522 -39.25 -0.68 34.48
C PRO A 522 -38.69 -2.05 34.81
N LYS A 523 -38.62 -2.98 33.84
CA LYS A 523 -38.11 -4.31 34.18
C LYS A 523 -36.65 -4.25 34.60
N ILE A 524 -35.86 -3.42 33.93
CA ILE A 524 -34.44 -3.30 34.27
C ILE A 524 -34.26 -2.54 35.58
N LYS A 525 -35.04 -1.47 35.77
CA LYS A 525 -34.98 -0.73 37.03
C LYS A 525 -35.18 -1.68 38.22
N ALA A 526 -36.19 -2.55 38.11
CA ALA A 526 -36.48 -3.48 39.20
C ALA A 526 -35.31 -4.42 39.44
N ILE A 527 -34.72 -4.96 38.37
CA ILE A 527 -33.60 -5.89 38.52
C ILE A 527 -32.43 -5.19 39.21
N ILE A 528 -32.10 -3.99 38.75
CA ILE A 528 -30.90 -3.34 39.25
C ILE A 528 -31.12 -2.86 40.69
N ASP A 529 -32.25 -2.19 40.94
CA ASP A 529 -32.57 -1.73 42.30
C ASP A 529 -32.59 -2.91 43.27
N ASN A 530 -33.20 -4.01 42.87
CA ASN A 530 -33.24 -5.18 43.75
C ASN A 530 -31.84 -5.74 43.99
N ALA A 531 -31.01 -5.81 42.94
CA ALA A 531 -29.68 -6.36 43.12
C ALA A 531 -28.81 -5.48 44.01
N LEU A 532 -28.97 -4.16 43.96
CA LEU A 532 -28.11 -3.30 44.74
C LEU A 532 -28.55 -3.17 46.19
N LYS A 533 -29.79 -3.57 46.51
CA LYS A 533 -30.32 -3.54 47.88
C LYS A 533 -29.88 -4.75 48.68
N MET B 27 21.06 -24.47 -10.55
CA MET B 27 20.65 -23.38 -9.71
C MET B 27 19.25 -22.91 -10.07
N ASN B 28 18.55 -22.37 -9.09
CA ASN B 28 17.30 -21.70 -9.41
C ASN B 28 17.59 -20.42 -10.18
N VAL B 29 16.56 -19.91 -10.86
CA VAL B 29 16.65 -18.68 -11.63
C VAL B 29 15.42 -17.85 -11.33
N ILE B 30 15.62 -16.61 -10.88
CA ILE B 30 14.53 -15.66 -10.78
C ILE B 30 14.84 -14.49 -11.69
N PHE B 31 14.01 -14.29 -12.69
CA PHE B 31 14.21 -13.27 -13.70
C PHE B 31 13.20 -12.18 -13.42
N ILE B 32 13.67 -11.07 -12.87
CA ILE B 32 12.79 -9.97 -12.47
C ILE B 32 12.87 -8.88 -13.53
N MET B 33 11.71 -8.45 -14.02
CA MET B 33 11.69 -7.46 -15.09
C MET B 33 10.63 -6.43 -14.77
N SER B 34 11.00 -5.16 -14.83
CA SER B 34 10.06 -4.08 -14.58
C SER B 34 9.77 -3.37 -15.89
N ASP B 35 8.52 -3.01 -16.10
CA ASP B 35 8.08 -2.48 -17.38
C ASP B 35 8.49 -1.01 -17.50
N ASP B 36 9.39 -0.69 -18.44
CA ASP B 36 9.88 0.69 -18.68
C ASP B 36 10.72 1.25 -17.53
N HIS B 37 11.38 0.40 -16.74
CA HIS B 37 12.30 0.87 -15.72
C HIS B 37 13.66 1.10 -16.36
N THR B 38 14.05 2.36 -16.49
CA THR B 38 15.18 2.70 -17.34
C THR B 38 16.46 2.88 -16.53
N SER B 39 17.60 2.78 -17.22
CA SER B 39 18.86 2.72 -16.49
C SER B 39 19.13 4.01 -15.74
N GLN B 40 18.60 5.15 -16.22
CA GLN B 40 18.81 6.41 -15.51
C GLN B 40 18.27 6.35 -14.10
N ALA B 41 17.21 5.57 -13.89
CA ALA B 41 16.49 5.54 -12.62
C ALA B 41 16.92 4.37 -11.75
N ILE B 42 18.16 3.91 -11.94
CA ILE B 42 18.74 2.88 -11.09
C ILE B 42 20.05 3.45 -10.59
N GLY B 43 20.16 3.57 -9.26
CA GLY B 43 21.32 4.24 -8.68
C GLY B 43 22.64 3.63 -9.12
N ALA B 44 22.65 2.31 -9.33
CA ALA B 44 23.90 1.64 -9.70
C ALA B 44 24.45 2.13 -11.04
N TYR B 45 23.62 2.75 -11.90
CA TYR B 45 24.11 3.24 -13.17
C TYR B 45 24.64 4.67 -13.09
N GLY B 46 24.58 5.33 -11.94
CA GLY B 46 25.30 6.57 -11.75
C GLY B 46 24.85 7.77 -12.59
N SER B 47 23.60 7.82 -13.03
CA SER B 47 23.13 8.97 -13.79
C SER B 47 22.97 10.18 -12.87
N HIS B 48 22.54 11.30 -13.44
CA HIS B 48 22.25 12.47 -12.61
C HIS B 48 21.07 12.25 -11.66
N LEU B 49 20.30 11.18 -11.83
CA LEU B 49 19.24 10.89 -10.86
C LEU B 49 19.75 10.11 -9.66
N ALA B 50 20.91 9.46 -9.80
CA ALA B 50 21.34 8.54 -8.75
C ALA B 50 21.49 9.22 -7.39
N LYS B 51 21.80 10.52 -7.37
CA LYS B 51 21.96 11.18 -6.08
C LYS B 51 20.66 11.25 -5.28
N LEU B 52 19.53 11.00 -5.91
CA LEU B 52 18.29 10.85 -5.16
C LEU B 52 18.18 9.50 -4.46
N ASN B 53 19.11 8.59 -4.69
CA ASN B 53 19.07 7.25 -4.11
C ASN B 53 17.74 6.56 -4.44
N PRO B 54 17.37 6.47 -5.72
CA PRO B 54 16.03 6.01 -6.07
C PRO B 54 15.78 4.52 -5.89
N THR B 55 16.82 3.67 -5.84
CA THR B 55 16.65 2.22 -5.81
C THR B 55 17.65 1.58 -4.85
N PRO B 56 17.54 1.85 -3.55
CA PRO B 56 18.53 1.28 -2.62
C PRO B 56 18.58 -0.25 -2.59
N ASN B 57 17.44 -0.93 -2.72
CA ASN B 57 17.45 -2.40 -2.67
C ASN B 57 18.02 -3.01 -3.95
N ILE B 58 17.71 -2.42 -5.10
CA ILE B 58 18.34 -2.88 -6.34
C ILE B 58 19.84 -2.59 -6.30
N ASP B 59 20.22 -1.43 -5.76
CA ASP B 59 21.65 -1.12 -5.65
C ASP B 59 22.36 -2.11 -4.73
N GLU B 60 21.69 -2.56 -3.67
CA GLU B 60 22.32 -3.56 -2.81
C GLU B 60 22.48 -4.89 -3.55
N LEU B 61 21.49 -5.29 -4.36
CA LEU B 61 21.66 -6.47 -5.21
C LEU B 61 22.82 -6.31 -6.18
N ALA B 62 22.95 -5.13 -6.80
CA ALA B 62 24.05 -4.91 -7.75
C ALA B 62 25.40 -4.92 -7.07
N SER B 63 25.50 -4.46 -5.82
CA SER B 63 26.79 -4.46 -5.13
C SER B 63 27.26 -5.87 -4.79
N ASP B 64 26.42 -6.89 -4.98
CA ASP B 64 26.88 -8.27 -4.87
C ASP B 64 26.70 -9.04 -6.17
N GLY B 65 26.54 -8.34 -7.29
CA GLY B 65 26.45 -8.98 -8.59
C GLY B 65 27.19 -8.21 -9.65
N VAL B 66 26.78 -8.36 -10.90
CA VAL B 66 27.40 -7.69 -12.04
C VAL B 66 26.42 -6.69 -12.61
N VAL B 67 26.86 -5.44 -12.77
CA VAL B 67 26.10 -4.44 -13.50
C VAL B 67 26.62 -4.42 -14.94
N PHE B 68 25.75 -4.70 -15.91
CA PHE B 68 26.16 -4.68 -17.31
C PHE B 68 25.93 -3.29 -17.89
N ASP B 69 27.03 -2.62 -18.27
CA ASP B 69 26.97 -1.24 -18.69
C ASP B 69 26.50 -1.07 -20.13
N ASN B 70 26.55 -2.12 -20.93
CA ASN B 70 26.30 -2.03 -22.37
C ASN B 70 25.32 -3.10 -22.81
N CYS B 71 24.17 -3.15 -22.15
CA CYS B 71 23.11 -4.06 -22.52
C CYS B 71 22.07 -3.27 -23.28
N PHE B 72 21.71 -3.75 -24.48
CA PHE B 72 20.81 -2.98 -25.34
C PHE B 72 19.67 -3.84 -25.83
N CYS B 73 18.47 -3.27 -25.92
N CYS B 73 18.50 -3.22 -25.93
CA CYS B 73 17.45 -4.01 -26.64
CA CYS B 73 17.39 -3.77 -26.69
C CYS B 73 17.64 -3.79 -28.14
C CYS B 73 17.77 -3.87 -28.17
N THR B 74 17.01 -4.65 -28.92
CA THR B 74 17.11 -4.61 -30.38
C THR B 74 15.93 -3.87 -31.03
N ASN B 75 14.97 -3.42 -30.23
CA ASN B 75 13.66 -2.95 -30.70
C ASN B 75 12.93 -2.49 -29.46
N SER B 76 12.89 -1.17 -29.22
CA SER B 76 12.60 -0.67 -27.88
C SER B 76 11.10 -0.43 -27.69
N ILE B 77 10.35 -1.53 -27.55
CA ILE B 77 8.99 -1.50 -27.05
C ILE B 77 8.73 -2.79 -26.31
N SER B 78 7.74 -2.75 -25.41
CA SER B 78 7.57 -3.82 -24.44
C SER B 78 7.46 -5.17 -25.13
N THR B 79 6.47 -5.32 -26.02
CA THR B 79 6.19 -6.64 -26.58
C THR B 79 7.33 -7.17 -27.44
N PRO B 80 7.91 -6.40 -28.37
CA PRO B 80 9.08 -6.95 -29.10
C PRO B 80 10.25 -7.30 -28.19
N SER B 81 10.53 -6.48 -27.17
CA SER B 81 11.69 -6.79 -26.34
C SER B 81 11.44 -8.05 -25.53
N ARG B 82 10.23 -8.20 -25.00
CA ARG B 82 9.93 -9.42 -24.25
C ARG B 82 9.95 -10.64 -25.17
N ALA B 83 9.57 -10.47 -26.44
CA ALA B 83 9.66 -11.56 -27.40
C ALA B 83 11.12 -11.91 -27.72
N CYS B 84 12.00 -10.91 -27.81
CA CYS B 84 13.42 -11.18 -27.99
C CYS B 84 14.00 -11.94 -26.80
N ILE B 85 13.59 -11.55 -25.60
CA ILE B 85 14.05 -12.25 -24.39
C ILE B 85 13.59 -13.70 -24.41
N MET B 86 12.29 -13.91 -24.67
CA MET B 86 11.69 -15.25 -24.60
C MET B 86 12.20 -16.17 -25.70
N THR B 87 12.50 -15.62 -26.88
CA THR B 87 12.89 -16.45 -28.02
C THR B 87 14.40 -16.50 -28.25
N GLY B 88 15.17 -15.57 -27.71
CA GLY B 88 16.56 -15.47 -28.13
C GLY B 88 16.76 -15.12 -29.59
N GLN B 89 15.75 -14.53 -30.22
CA GLN B 89 15.74 -14.26 -31.65
C GLN B 89 15.37 -12.82 -31.93
N TYR B 90 15.93 -12.27 -33.00
CA TYR B 90 15.53 -10.94 -33.43
C TYR B 90 14.05 -10.91 -33.83
N SER B 91 13.50 -9.70 -33.82
CA SER B 91 12.08 -9.48 -34.13
C SER B 91 11.70 -10.01 -35.51
N HIS B 92 12.58 -9.81 -36.51
CA HIS B 92 12.23 -10.29 -37.85
C HIS B 92 12.20 -11.80 -37.93
N HIS B 93 12.78 -12.50 -36.96
CA HIS B 93 12.69 -13.94 -36.89
C HIS B 93 11.57 -14.44 -35.96
N ASN B 94 11.36 -13.81 -34.80
CA ASN B 94 10.27 -14.27 -33.96
C ASN B 94 8.91 -13.70 -34.40
N GLU B 95 8.92 -12.74 -35.32
CA GLU B 95 7.76 -12.10 -35.98
C GLU B 95 7.01 -11.11 -35.09
N VAL B 96 7.49 -10.84 -33.88
CA VAL B 96 6.84 -9.82 -33.02
C VAL B 96 7.52 -8.49 -33.31
N LEU B 97 7.03 -7.82 -34.35
CA LEU B 97 7.67 -6.59 -34.81
C LEU B 97 7.25 -5.37 -34.01
N THR B 98 6.03 -5.33 -33.48
CA THR B 98 5.49 -4.14 -32.84
C THR B 98 4.65 -4.55 -31.64
N LEU B 99 4.02 -3.56 -31.00
CA LEU B 99 3.05 -3.84 -29.94
C LEU B 99 1.79 -4.52 -30.46
N ASP B 100 1.57 -4.55 -31.78
CA ASP B 100 0.35 -5.13 -32.34
C ASP B 100 0.44 -6.64 -32.53
N GLU B 101 1.62 -7.24 -32.42
CA GLU B 101 1.79 -8.66 -32.66
C GLU B 101 1.75 -9.45 -31.36
N LYS B 102 1.47 -10.75 -31.47
CA LYS B 102 1.49 -11.69 -30.37
C LYS B 102 2.60 -12.69 -30.62
N LEU B 103 3.19 -13.23 -29.55
CA LEU B 103 4.19 -14.29 -29.69
C LEU B 103 3.47 -15.63 -29.67
N ASP B 104 3.70 -16.45 -30.71
CA ASP B 104 3.11 -17.78 -30.77
C ASP B 104 3.45 -18.58 -29.52
N VAL B 105 2.50 -19.38 -29.03
CA VAL B 105 2.78 -20.16 -27.82
C VAL B 105 3.95 -21.10 -28.05
N ASP B 106 4.04 -21.68 -29.24
CA ASP B 106 5.16 -22.59 -29.46
C ASP B 106 6.49 -21.87 -29.61
N ARG B 107 6.52 -20.54 -29.61
CA ARG B 107 7.79 -19.83 -29.62
C ARG B 107 8.26 -19.44 -28.23
N GLN B 108 7.69 -20.03 -27.19
CA GLN B 108 8.07 -19.68 -25.81
C GLN B 108 9.32 -20.48 -25.42
N TYR B 109 10.43 -20.20 -26.14
CA TYR B 109 11.58 -21.10 -26.11
C TYR B 109 12.26 -21.12 -24.74
N LEU B 110 12.38 -19.95 -24.10
CA LEU B 110 13.14 -19.87 -22.86
C LEU B 110 12.55 -20.79 -21.80
N VAL B 111 11.23 -20.70 -21.58
CA VAL B 111 10.61 -21.52 -20.55
C VAL B 111 10.62 -22.99 -20.97
N LYS B 112 10.41 -23.27 -22.26
CA LYS B 112 10.51 -24.65 -22.75
C LYS B 112 11.89 -25.25 -22.52
N GLU B 113 12.95 -24.49 -22.75
CA GLU B 113 14.28 -25.01 -22.49
C GLU B 113 14.49 -25.28 -21.00
N PHE B 114 13.96 -24.41 -20.13
CA PHE B 114 14.12 -24.70 -18.70
C PHE B 114 13.28 -25.90 -18.28
N SER B 115 12.05 -25.99 -18.80
CA SER B 115 11.23 -27.16 -18.53
C SER B 115 11.91 -28.44 -19.00
N LYS B 116 12.62 -28.37 -20.12
CA LYS B 116 13.39 -29.50 -20.63
C LYS B 116 14.52 -29.89 -19.68
N MET B 117 15.08 -28.93 -18.95
CA MET B 117 16.15 -29.23 -18.02
C MET B 117 15.65 -29.74 -16.68
N GLY B 118 14.34 -29.96 -16.53
CA GLY B 118 13.79 -30.43 -15.28
C GLY B 118 13.39 -29.36 -14.30
N TYR B 119 13.29 -28.11 -14.73
CA TYR B 119 12.88 -27.04 -13.85
C TYR B 119 11.37 -26.96 -13.75
N GLN B 120 10.86 -26.66 -12.56
CA GLN B 120 9.49 -26.18 -12.52
C GLN B 120 9.50 -24.71 -12.92
N THR B 121 8.41 -24.26 -13.56
CA THR B 121 8.42 -22.96 -14.21
C THR B 121 7.18 -22.15 -13.82
N ALA B 122 7.40 -20.86 -13.55
CA ALA B 122 6.36 -19.99 -13.05
C ALA B 122 6.48 -18.62 -13.71
N MET B 123 5.35 -18.07 -14.10
CA MET B 123 5.27 -16.75 -14.72
C MET B 123 4.30 -15.91 -13.92
N VAL B 124 4.77 -14.81 -13.36
CA VAL B 124 3.93 -13.98 -12.48
C VAL B 124 4.01 -12.53 -12.94
N GLY B 125 2.86 -11.88 -13.05
CA GLY B 125 2.82 -10.44 -13.19
C GLY B 125 2.43 -9.95 -14.57
N LYS B 126 3.15 -8.94 -15.02
CA LYS B 126 2.83 -8.26 -16.27
C LYS B 126 3.29 -9.13 -17.42
N TRP B 127 2.35 -9.53 -18.29
CA TRP B 127 2.63 -10.41 -19.43
C TRP B 127 2.23 -9.65 -20.69
N HIS B 128 3.22 -9.36 -21.54
CA HIS B 128 2.96 -8.60 -22.76
C HIS B 128 2.82 -9.49 -23.99
N LEU B 129 3.08 -10.79 -23.85
CA LEU B 129 3.22 -11.63 -25.04
C LEU B 129 1.89 -12.09 -25.64
N LYS B 130 0.74 -11.85 -24.97
CA LYS B 130 -0.63 -11.87 -25.52
C LYS B 130 -1.35 -13.22 -25.48
N ASN B 131 -0.70 -14.29 -25.91
CA ASN B 131 -1.30 -15.60 -25.86
C ASN B 131 -1.17 -16.17 -24.44
N GLU B 132 -1.72 -17.36 -24.21
CA GLU B 132 -1.60 -17.99 -22.89
C GLU B 132 -0.15 -18.33 -22.58
N PRO B 133 0.31 -18.16 -21.32
CA PRO B 133 1.64 -18.65 -20.95
C PRO B 133 1.63 -20.17 -20.76
N ALA B 134 1.14 -20.87 -21.78
CA ALA B 134 0.82 -22.28 -21.66
C ALA B 134 2.04 -23.15 -21.39
N ASN B 135 3.25 -22.68 -21.70
CA ASN B 135 4.42 -23.50 -21.46
C ASN B 135 4.99 -23.35 -20.05
N PHE B 136 4.38 -22.51 -19.21
CA PHE B 136 4.72 -22.42 -17.79
C PHE B 136 3.85 -23.38 -16.99
N ASP B 137 4.45 -24.08 -16.03
CA ASP B 137 3.65 -24.92 -15.12
C ASP B 137 2.63 -24.09 -14.38
N TYR B 138 3.05 -22.91 -13.90
CA TYR B 138 2.20 -22.03 -13.13
C TYR B 138 2.26 -20.64 -13.75
N TYR B 139 1.10 -20.01 -13.91
CA TYR B 139 1.13 -18.61 -14.31
C TYR B 139 0.02 -17.86 -13.62
N LYS B 140 0.26 -16.58 -13.38
CA LYS B 140 -0.73 -15.70 -12.80
C LYS B 140 -0.35 -14.32 -13.30
N VAL B 141 -1.07 -13.84 -14.31
CA VAL B 141 -0.62 -12.69 -15.09
C VAL B 141 -1.73 -11.68 -15.21
N LEU B 142 -1.32 -10.43 -15.29
CA LEU B 142 -2.25 -9.31 -15.34
C LEU B 142 -3.15 -9.40 -16.57
N ASN B 143 -4.42 -9.12 -16.33
CA ASN B 143 -5.49 -9.19 -17.30
C ASN B 143 -5.81 -7.77 -17.80
N GLU B 150 -5.90 -1.63 -13.52
CA GLU B 150 -4.77 -2.55 -13.49
C GLU B 150 -3.77 -2.25 -12.34
N TYR B 151 -3.58 -0.98 -11.97
CA TYR B 151 -2.67 -0.69 -10.86
C TYR B 151 -3.32 -0.93 -9.50
N PHE B 152 -4.65 -0.79 -9.39
CA PHE B 152 -5.33 -0.96 -8.12
C PHE B 152 -6.34 -2.08 -8.22
N ASN B 153 -6.29 -3.01 -7.27
CA ASN B 153 -7.16 -4.18 -7.25
C ASN B 153 -7.05 -4.92 -8.59
N PRO B 154 -5.86 -5.28 -9.03
CA PRO B 154 -5.74 -5.91 -10.35
C PRO B 154 -6.46 -7.25 -10.42
N THR B 155 -6.96 -7.56 -11.61
CA THR B 155 -7.39 -8.91 -11.93
C THR B 155 -6.29 -9.64 -12.69
N PHE B 156 -6.25 -10.96 -12.49
CA PHE B 156 -5.24 -11.84 -13.05
C PHE B 156 -5.91 -13.02 -13.75
N LEU B 157 -5.29 -13.49 -14.82
CA LEU B 157 -5.60 -14.79 -15.40
C LEU B 157 -4.60 -15.79 -14.85
N THR B 158 -5.09 -16.94 -14.41
CA THR B 158 -4.20 -17.89 -13.77
C THR B 158 -4.71 -19.30 -13.96
N ASN B 159 -3.78 -20.24 -14.02
CA ASN B 159 -4.08 -21.65 -14.00
C ASN B 159 -3.86 -22.27 -12.61
N GLU B 160 -3.77 -21.45 -11.57
CA GLU B 160 -3.36 -21.97 -10.27
C GLU B 160 -4.37 -22.94 -9.66
N ILE B 161 -5.62 -22.89 -10.09
CA ILE B 161 -6.59 -23.97 -9.82
C ILE B 161 -6.69 -24.92 -11.01
N SER B 162 -6.93 -24.35 -12.21
CA SER B 162 -7.07 -25.02 -13.51
C SER B 162 -8.47 -25.60 -13.69
N ASN B 163 -9.46 -25.02 -13.00
CA ASN B 163 -10.85 -25.42 -13.21
C ASN B 163 -11.50 -24.70 -14.39
N LYS B 164 -10.83 -23.71 -15.00
CA LYS B 164 -11.30 -23.04 -16.21
C LYS B 164 -10.11 -22.77 -17.13
N GLU B 165 -10.41 -22.48 -18.39
CA GLU B 165 -9.40 -22.36 -19.45
C GLU B 165 -9.21 -20.91 -19.86
N TRP B 166 -7.98 -20.59 -20.27
CA TRP B 166 -7.61 -19.26 -20.74
C TRP B 166 -8.52 -18.84 -21.88
N PRO B 167 -8.94 -17.56 -21.95
CA PRO B 167 -8.62 -16.44 -21.05
C PRO B 167 -9.77 -16.08 -20.09
N LYS B 168 -10.47 -17.08 -19.58
CA LYS B 168 -11.56 -16.88 -18.63
C LYS B 168 -11.20 -17.33 -17.22
N ASN B 169 -9.96 -17.78 -17.01
CA ASN B 169 -9.51 -18.18 -15.67
C ASN B 169 -9.08 -16.94 -14.88
N GLN B 170 -10.04 -16.04 -14.68
CA GLN B 170 -9.83 -14.75 -14.04
C GLN B 170 -10.00 -14.80 -12.52
N VAL B 171 -9.18 -14.03 -11.81
CA VAL B 171 -9.21 -13.94 -10.34
C VAL B 171 -9.03 -12.47 -9.99
N LYS B 172 -9.73 -12.01 -8.95
CA LYS B 172 -9.62 -10.63 -8.49
C LYS B 172 -8.69 -10.57 -7.29
N THR B 173 -8.05 -9.41 -7.10
CA THR B 173 -7.20 -9.20 -5.93
C THR B 173 -7.42 -7.82 -5.36
N ASN B 174 -6.96 -7.63 -4.13
CA ASN B 174 -7.10 -6.38 -3.41
C ASN B 174 -5.73 -5.73 -3.22
N GLY B 175 -5.61 -4.47 -3.61
CA GLY B 175 -4.44 -3.68 -3.24
C GLY B 175 -3.66 -3.23 -4.45
N TYR B 176 -2.51 -2.62 -4.16
CA TYR B 176 -1.65 -2.05 -5.19
C TYR B 176 -0.87 -3.14 -5.92
N SER B 177 -0.74 -3.00 -7.25
CA SER B 177 -0.26 -4.12 -8.05
C SER B 177 1.17 -4.54 -7.67
N SER B 178 2.06 -3.59 -7.40
CA SER B 178 3.42 -3.99 -7.05
C SER B 178 3.42 -4.85 -5.80
N ASP B 179 2.61 -4.49 -4.80
CA ASP B 179 2.51 -5.29 -3.58
C ASP B 179 1.88 -6.65 -3.85
N VAL B 180 0.77 -6.65 -4.60
CA VAL B 180 0.08 -7.89 -4.91
C VAL B 180 0.97 -8.82 -5.70
N ILE B 181 1.71 -8.30 -6.68
CA ILE B 181 2.52 -9.17 -7.54
C ILE B 181 3.64 -9.82 -6.75
N THR B 182 4.27 -9.06 -5.86
CA THR B 182 5.31 -9.62 -4.99
C THR B 182 4.76 -10.75 -4.13
N ASN B 183 3.54 -10.58 -3.60
CA ASN B 183 2.95 -11.63 -2.77
C ASN B 183 2.63 -12.88 -3.57
N ILE B 184 2.20 -12.72 -4.83
CA ILE B 184 1.91 -13.90 -5.67
C ILE B 184 3.15 -14.73 -5.81
N THR B 185 4.29 -14.08 -6.01
CA THR B 185 5.53 -14.81 -6.20
C THR B 185 5.99 -15.43 -4.89
N ILE B 186 5.93 -14.66 -3.79
CA ILE B 186 6.29 -15.23 -2.49
C ILE B 186 5.36 -16.39 -2.13
N ASP B 187 4.04 -16.22 -2.35
CA ASP B 187 3.12 -17.32 -2.05
C ASP B 187 3.42 -18.56 -2.90
N TRP B 188 3.81 -18.36 -4.16
CA TRP B 188 4.19 -19.51 -4.99
C TRP B 188 5.43 -20.21 -4.43
N LEU B 189 6.45 -19.44 -4.08
CA LEU B 189 7.65 -20.03 -3.50
C LEU B 189 7.34 -20.76 -2.20
N LYS B 190 6.40 -20.24 -1.41
CA LYS B 190 6.12 -20.80 -0.08
C LYS B 190 5.25 -22.05 -0.16
N ASN B 191 4.23 -22.02 -1.03
CA ASN B 191 3.12 -22.94 -0.98
C ASN B 191 2.97 -23.82 -2.21
N ARG B 192 3.60 -23.49 -3.33
CA ARG B 192 3.40 -24.30 -4.51
C ARG B 192 4.69 -24.90 -5.05
N ARG B 193 5.83 -24.25 -4.81
CA ARG B 193 7.09 -24.75 -5.33
C ARG B 193 7.45 -26.05 -4.62
N ASP B 194 7.88 -27.04 -5.40
CA ASP B 194 8.44 -28.27 -4.87
C ASP B 194 9.89 -28.04 -4.47
N LYS B 195 10.19 -28.16 -3.17
CA LYS B 195 11.49 -27.73 -2.66
C LYS B 195 12.63 -28.69 -3.01
N ASN B 196 12.36 -29.80 -3.69
CA ASN B 196 13.43 -30.68 -4.11
C ASN B 196 13.87 -30.47 -5.55
N LYS B 197 13.08 -29.71 -6.35
CA LYS B 197 13.40 -29.48 -7.76
C LYS B 197 13.80 -28.02 -7.98
N PRO B 198 14.66 -27.72 -8.94
CA PRO B 198 14.98 -26.32 -9.21
C PRO B 198 13.78 -25.61 -9.84
N PHE B 199 13.81 -24.28 -9.78
CA PHE B 199 12.72 -23.54 -10.39
C PHE B 199 13.30 -22.42 -11.26
N PHE B 200 12.48 -22.03 -12.22
CA PHE B 200 12.71 -20.88 -13.10
C PHE B 200 11.47 -20.03 -12.98
N LEU B 201 11.62 -18.80 -12.51
CA LEU B 201 10.49 -17.94 -12.24
C LEU B 201 10.71 -16.60 -12.94
N MET B 202 9.75 -16.18 -13.75
CA MET B 202 9.76 -14.84 -14.34
C MET B 202 8.79 -13.99 -13.55
N HIS B 203 9.28 -12.85 -13.05
CA HIS B 203 8.59 -12.04 -12.06
C HIS B 203 8.53 -10.64 -12.64
N HIS B 204 7.36 -10.23 -13.13
CA HIS B 204 7.24 -9.05 -13.98
C HIS B 204 6.38 -7.97 -13.34
N TYR B 205 6.98 -6.83 -13.04
CA TYR B 205 6.21 -5.73 -12.48
C TYR B 205 5.57 -4.94 -13.61
N LYS B 206 4.37 -4.44 -13.35
CA LYS B 206 3.74 -3.48 -14.26
C LYS B 206 4.35 -2.09 -14.11
N ALA B 207 4.56 -1.65 -12.87
CA ALA B 207 5.27 -0.41 -12.60
C ALA B 207 6.69 -0.52 -13.14
N PRO B 208 7.31 0.60 -13.57
CA PRO B 208 6.81 1.98 -13.56
C PRO B 208 6.24 2.44 -14.92
N HIS B 209 5.41 1.63 -15.55
CA HIS B 209 4.85 1.97 -16.85
C HIS B 209 3.79 3.05 -16.72
N ASP B 210 3.65 3.87 -17.75
CA ASP B 210 2.50 4.77 -17.90
C ASP B 210 1.19 4.11 -17.40
N MET B 211 0.38 4.84 -16.63
CA MET B 211 0.51 6.28 -16.36
C MET B 211 1.16 6.61 -15.02
N PHE B 212 2.03 5.73 -14.55
CA PHE B 212 2.80 6.02 -13.35
C PHE B 212 1.90 6.31 -12.17
N GLU B 213 0.84 5.50 -12.02
CA GLU B 213 -0.06 5.51 -10.86
C GLU B 213 0.60 4.80 -9.69
N TYR B 214 1.26 5.58 -8.87
CA TYR B 214 2.00 5.07 -7.74
C TYR B 214 1.07 4.78 -6.56
N ALA B 215 1.53 3.95 -5.65
CA ALA B 215 0.74 3.66 -4.45
C ALA B 215 0.62 4.94 -3.59
N PRO B 216 -0.54 5.19 -3.00
CA PRO B 216 -0.72 6.46 -2.28
C PRO B 216 0.24 6.67 -1.13
N ARG B 217 0.84 5.62 -0.57
CA ARG B 217 1.82 5.86 0.48
C ARG B 217 3.05 6.61 -0.01
N TYR B 218 3.26 6.72 -1.34
CA TYR B 218 4.38 7.48 -1.88
C TYR B 218 4.01 8.87 -2.36
N LYS B 219 2.80 9.35 -2.06
CA LYS B 219 2.37 10.63 -2.61
C LYS B 219 3.33 11.78 -2.30
N TYR B 220 3.93 11.80 -1.10
CA TYR B 220 4.81 12.88 -0.71
C TYR B 220 6.29 12.54 -0.81
N TYR B 221 6.63 11.35 -1.28
CA TYR B 221 8.01 11.04 -1.65
C TYR B 221 8.46 11.99 -2.74
N LEU B 222 9.63 12.60 -2.55
CA LEU B 222 10.23 13.62 -3.42
C LEU B 222 9.41 14.91 -3.51
N GLU B 223 8.39 15.08 -2.68
CA GLU B 223 7.55 16.28 -2.77
C GLU B 223 8.37 17.57 -2.69
N ASP B 224 9.33 17.63 -1.75
CA ASP B 224 10.12 18.82 -1.50
C ASP B 224 11.57 18.69 -2.00
N THR B 225 11.79 17.90 -3.05
CA THR B 225 13.12 17.66 -3.59
C THR B 225 13.06 17.93 -5.07
N GLU B 226 13.97 18.76 -5.58
CA GLU B 226 14.04 18.95 -7.02
C GLU B 226 14.63 17.72 -7.69
N VAL B 227 13.98 17.21 -8.72
CA VAL B 227 14.61 16.16 -9.53
C VAL B 227 15.62 16.84 -10.46
N PRO B 228 16.88 16.41 -10.47
CA PRO B 228 17.86 17.04 -11.36
C PRO B 228 17.38 17.04 -12.80
N VAL B 229 17.60 18.15 -13.50
CA VAL B 229 17.06 18.37 -14.83
C VAL B 229 18.19 18.25 -15.83
N PRO B 230 18.04 17.48 -16.91
CA PRO B 230 19.10 17.44 -17.94
C PRO B 230 19.06 18.72 -18.79
N GLU B 231 20.24 19.23 -19.14
CA GLU B 231 20.25 20.43 -19.97
C GLU B 231 19.58 20.16 -21.32
N SER B 232 19.62 18.92 -21.79
CA SER B 232 19.01 18.60 -23.08
C SER B 232 17.48 18.71 -23.05
N LEU B 233 16.87 18.89 -21.87
CA LEU B 233 15.43 19.14 -21.83
C LEU B 233 15.11 20.45 -22.55
N TYR B 234 15.95 21.46 -22.39
CA TYR B 234 15.70 22.75 -23.00
C TYR B 234 16.53 23.00 -24.26
N ASN B 235 17.67 22.34 -24.42
CA ASN B 235 18.62 22.63 -25.49
C ASN B 235 18.69 21.41 -26.41
N GLN B 236 18.23 21.57 -27.65
CA GLN B 236 18.39 20.53 -28.66
C GLN B 236 19.23 21.01 -29.85
N ASP B 237 19.97 22.11 -29.70
CA ASP B 237 20.80 22.62 -30.79
C ASP B 237 21.81 21.56 -31.20
N GLY B 238 21.78 21.16 -32.48
CA GLY B 238 22.70 20.15 -32.96
C GLY B 238 22.22 18.72 -32.82
N TRP B 239 21.17 18.48 -32.04
CA TRP B 239 20.60 17.14 -31.93
C TRP B 239 19.74 16.86 -33.17
N GLY B 240 19.70 15.59 -33.56
CA GLY B 240 18.72 15.15 -34.53
C GLY B 240 19.14 15.40 -35.97
N SER B 241 18.15 15.33 -36.86
CA SER B 241 18.37 15.45 -38.29
C SER B 241 17.06 15.87 -38.96
N GLU B 242 17.09 15.96 -40.28
CA GLU B 242 15.86 16.17 -41.05
C GLU B 242 14.84 15.07 -40.79
N ALA B 243 15.31 13.84 -40.51
CA ALA B 243 14.40 12.72 -40.28
C ALA B 243 13.63 12.84 -38.98
N THR B 244 14.14 13.61 -38.01
CA THR B 244 13.53 13.73 -36.70
C THR B 244 13.04 15.13 -36.40
N ARG B 245 13.42 16.12 -37.19
CA ARG B 245 12.99 17.49 -36.98
C ARG B 245 12.32 18.11 -38.20
N GLY B 246 12.47 17.51 -39.38
CA GLY B 246 12.05 18.14 -40.62
C GLY B 246 13.05 19.16 -41.12
N LYS B 247 13.06 19.39 -42.44
CA LYS B 247 13.87 20.46 -42.98
C LYS B 247 13.46 21.77 -42.35
N ASN B 248 14.46 22.57 -41.93
CA ASN B 248 14.22 23.85 -41.24
C ASN B 248 13.35 23.68 -40.00
N ASP B 249 13.42 22.52 -39.35
CA ASP B 249 12.65 22.22 -38.16
C ASP B 249 11.16 22.25 -38.43
N SER B 250 10.76 21.92 -39.65
CA SER B 250 9.35 22.00 -40.01
C SER B 250 8.51 20.88 -39.43
N LEU B 251 9.12 19.85 -38.82
CA LEU B 251 8.34 18.76 -38.24
C LEU B 251 8.52 18.62 -36.73
N ARG B 252 9.04 19.67 -36.06
CA ARG B 252 9.25 19.61 -34.61
C ARG B 252 7.95 19.49 -33.84
N HIS B 253 6.85 20.00 -34.39
CA HIS B 253 5.52 19.82 -33.82
C HIS B 253 4.94 18.45 -34.15
N PHE B 254 5.60 17.68 -35.00
CA PHE B 254 5.02 16.51 -35.62
C PHE B 254 5.68 15.21 -35.16
N ILE B 255 7.00 15.21 -35.06
CA ILE B 255 7.76 14.02 -34.71
C ILE B 255 8.13 14.08 -33.23
N GLY B 256 7.82 13.02 -32.50
CA GLY B 256 8.32 12.84 -31.16
C GLY B 256 7.51 13.55 -30.10
N THR B 257 6.67 12.81 -29.38
CA THR B 257 5.98 13.38 -28.24
C THR B 257 6.99 13.92 -27.23
N SER B 258 6.54 14.87 -26.42
CA SER B 258 7.47 15.78 -25.78
C SER B 258 7.07 15.96 -24.31
N ILE B 259 7.96 16.60 -23.57
CA ILE B 259 7.67 17.05 -22.21
C ILE B 259 7.03 18.42 -22.23
N SER B 260 7.67 19.35 -22.95
CA SER B 260 7.12 20.66 -23.26
C SER B 260 5.93 20.50 -24.19
N ARG B 261 5.27 21.62 -24.50
CA ARG B 261 4.19 21.60 -25.49
C ARG B 261 4.70 21.65 -26.94
N ARG B 262 5.96 21.31 -27.19
CA ARG B 262 6.48 21.23 -28.55
C ARG B 262 5.60 20.36 -29.46
N HIS B 263 5.38 19.11 -29.07
CA HIS B 263 4.55 18.25 -29.90
C HIS B 263 3.11 18.70 -29.81
N GLU B 264 2.42 18.79 -30.95
CA GLU B 264 1.12 19.45 -30.88
C GLU B 264 0.00 18.54 -30.39
N ASN B 265 0.20 17.23 -30.35
CA ASN B 265 -0.89 16.34 -29.98
C ASN B 265 -0.70 15.63 -28.66
N ARG B 266 0.52 15.42 -28.21
CA ARG B 266 0.72 14.65 -27.00
C ARG B 266 1.97 15.16 -26.30
N SER B 267 1.79 15.71 -25.10
CA SER B 267 2.90 16.17 -24.28
C SER B 267 2.52 16.07 -22.82
N TYR B 268 3.53 15.95 -21.95
CA TYR B 268 3.24 15.94 -20.53
C TYR B 268 2.76 17.30 -20.04
N ALA B 269 3.26 18.40 -20.59
CA ALA B 269 2.75 19.70 -20.17
C ALA B 269 1.25 19.80 -20.45
N GLU B 270 0.81 19.28 -21.60
CA GLU B 270 -0.62 19.28 -21.90
C GLU B 270 -1.36 18.28 -21.03
N ASP B 271 -0.84 17.06 -20.91
CA ASP B 271 -1.53 16.01 -20.15
C ASP B 271 -1.71 16.41 -18.70
N TYR B 272 -0.69 17.02 -18.09
CA TYR B 272 -0.80 17.45 -16.71
C TYR B 272 -1.54 18.79 -16.57
N LYS B 273 -1.93 19.41 -17.68
CA LYS B 273 -2.67 20.68 -17.65
C LYS B 273 -1.91 21.76 -16.89
N ILE B 274 -0.65 21.92 -17.26
CA ILE B 274 0.23 22.85 -16.57
C ILE B 274 0.15 24.21 -17.26
N ASN B 275 -0.15 25.26 -16.48
CA ASN B 275 -0.34 26.63 -17.01
C ASN B 275 0.31 27.60 -16.02
N THR B 276 1.59 27.86 -16.22
CA THR B 276 2.29 28.85 -15.43
C THR B 276 2.37 30.21 -16.12
N GLY B 277 2.02 30.29 -17.39
CA GLY B 277 2.19 31.51 -18.15
C GLY B 277 3.53 31.68 -18.84
N ASP B 278 4.47 30.74 -18.66
CA ASP B 278 5.78 30.79 -19.31
C ASP B 278 6.11 29.38 -19.80
N PRO B 279 6.42 29.20 -21.09
CA PRO B 279 6.60 27.84 -21.61
C PRO B 279 7.76 27.09 -21.01
N LYS B 280 8.89 27.76 -20.73
CA LYS B 280 10.00 27.02 -20.14
C LYS B 280 9.67 26.55 -18.72
N LYS B 281 8.90 27.34 -17.98
CA LYS B 281 8.47 26.90 -16.66
C LYS B 281 7.45 25.76 -16.77
N ASP B 282 6.54 25.84 -17.76
CA ASP B 282 5.63 24.72 -18.01
C ASP B 282 6.42 23.43 -18.22
N THR B 283 7.47 23.51 -19.04
CA THR B 283 8.31 22.35 -19.33
C THR B 283 8.99 21.85 -18.06
N TYR B 284 9.51 22.77 -17.26
CA TYR B 284 10.15 22.40 -16.01
C TYR B 284 9.15 21.68 -15.10
N GLU B 285 7.95 22.25 -14.92
CA GLU B 285 7.00 21.63 -13.99
C GLU B 285 6.48 20.31 -14.55
N ALA B 286 6.31 20.21 -15.87
CA ALA B 286 5.91 18.93 -16.46
C ALA B 286 6.98 17.88 -16.22
N TYR B 287 8.24 18.24 -16.45
CA TYR B 287 9.34 17.34 -16.15
C TYR B 287 9.32 16.91 -14.68
N GLN B 288 9.20 17.86 -13.75
CA GLN B 288 9.25 17.49 -12.33
C GLN B 288 8.12 16.55 -11.97
N ARG B 289 6.93 16.77 -12.53
CA ARG B 289 5.80 15.92 -12.18
C ARG B 289 5.95 14.54 -12.80
N TYR B 290 6.37 14.47 -14.08
CA TYR B 290 6.64 13.19 -14.74
C TYR B 290 7.67 12.38 -13.98
N LEU B 291 8.82 12.99 -13.69
CA LEU B 291 9.89 12.27 -13.00
C LEU B 291 9.45 11.84 -11.60
N LYS B 292 8.80 12.71 -10.86
CA LYS B 292 8.43 12.34 -9.50
C LYS B 292 7.39 11.23 -9.49
N ASP B 293 6.37 11.32 -10.34
CA ASP B 293 5.43 10.22 -10.45
C ASP B 293 6.15 8.95 -10.86
N TYR B 294 7.07 9.06 -11.81
CA TYR B 294 7.78 7.87 -12.28
C TYR B 294 8.64 7.28 -11.17
N LEU B 295 9.33 8.12 -10.41
CA LEU B 295 10.21 7.60 -9.37
C LEU B 295 9.42 7.06 -8.18
N ARG B 296 8.21 7.58 -7.95
CA ARG B 296 7.36 6.99 -6.93
C ARG B 296 6.96 5.57 -7.30
N CYS B 297 6.73 5.32 -8.59
CA CYS B 297 6.48 3.95 -9.05
C CYS B 297 7.73 3.10 -8.92
N VAL B 298 8.88 3.66 -9.28
CA VAL B 298 10.15 2.94 -9.07
C VAL B 298 10.32 2.57 -7.60
N LYS B 299 10.00 3.53 -6.72
CA LYS B 299 10.18 3.31 -5.29
C LYS B 299 9.33 2.14 -4.81
N GLY B 300 8.09 2.04 -5.30
CA GLY B 300 7.25 0.92 -4.90
C GLY B 300 7.82 -0.42 -5.31
N VAL B 301 8.41 -0.49 -6.49
CA VAL B 301 9.08 -1.72 -6.92
C VAL B 301 10.26 -2.01 -6.03
N ASP B 302 11.10 -1.00 -5.79
CA ASP B 302 12.30 -1.22 -4.98
C ASP B 302 11.95 -1.65 -3.55
N ASP B 303 10.89 -1.08 -2.97
CA ASP B 303 10.46 -1.48 -1.63
C ASP B 303 9.94 -2.92 -1.63
N ASN B 304 9.21 -3.31 -2.66
CA ASN B 304 8.74 -4.69 -2.75
C ASN B 304 9.88 -5.67 -2.91
N LEU B 305 10.93 -5.28 -3.63
CA LEU B 305 12.05 -6.20 -3.78
C LEU B 305 12.72 -6.47 -2.45
N LYS B 306 12.73 -5.50 -1.55
CA LYS B 306 13.24 -5.82 -0.21
C LYS B 306 12.45 -6.99 0.40
N ARG B 307 11.12 -6.99 0.26
CA ARG B 307 10.34 -8.09 0.82
C ARG B 307 10.65 -9.41 0.12
N LEU B 308 10.78 -9.39 -1.21
CA LEU B 308 11.13 -10.61 -1.93
C LEU B 308 12.52 -11.11 -1.54
N PHE B 309 13.50 -10.22 -1.53
CA PHE B 309 14.85 -10.66 -1.21
C PHE B 309 14.97 -11.10 0.25
N ASP B 310 14.25 -10.45 1.16
CA ASP B 310 14.25 -10.91 2.56
C ASP B 310 13.67 -12.33 2.65
N TYR B 311 12.62 -12.61 1.89
CA TYR B 311 12.06 -13.96 1.87
C TYR B 311 13.08 -14.96 1.35
N LEU B 312 13.70 -14.65 0.21
CA LEU B 312 14.67 -15.57 -0.37
C LEU B 312 15.79 -15.85 0.62
N LYS B 313 16.27 -14.81 1.31
CA LYS B 313 17.37 -15.00 2.24
C LYS B 313 16.98 -15.90 3.40
N LYS B 314 15.81 -15.68 3.98
CA LYS B 314 15.42 -16.45 5.15
C LYS B 314 15.01 -17.88 4.80
N GLU B 315 14.60 -18.12 3.56
CA GLU B 315 14.22 -19.43 3.06
C GLU B 315 15.42 -20.25 2.58
N GLY B 316 16.62 -19.69 2.57
CA GLY B 316 17.77 -20.44 2.10
C GLY B 316 17.95 -20.48 0.59
N LEU B 317 17.31 -19.58 -0.13
CA LEU B 317 17.42 -19.55 -1.59
C LEU B 317 18.43 -18.54 -2.08
N TRP B 318 19.00 -17.72 -1.20
CA TRP B 318 19.84 -16.63 -1.66
C TRP B 318 21.16 -17.14 -2.23
N GLU B 319 21.63 -18.31 -1.78
CA GLU B 319 22.92 -18.81 -2.25
C GLU B 319 22.81 -19.86 -3.35
N ASN B 320 21.60 -20.26 -3.75
CA ASN B 320 21.45 -21.21 -4.84
C ASN B 320 20.51 -20.71 -5.94
N THR B 321 20.30 -19.40 -6.02
CA THR B 321 19.37 -18.80 -6.99
C THR B 321 20.11 -17.69 -7.72
N ILE B 322 20.19 -17.80 -9.04
CA ILE B 322 20.61 -16.67 -9.86
C ILE B 322 19.46 -15.67 -9.95
N ILE B 323 19.75 -14.40 -9.66
CA ILE B 323 18.75 -13.34 -9.71
C ILE B 323 19.16 -12.35 -10.79
N VAL B 324 18.22 -12.07 -11.69
CA VAL B 324 18.39 -11.08 -12.74
C VAL B 324 17.44 -9.94 -12.43
N TYR B 325 17.91 -8.70 -12.52
CA TYR B 325 17.03 -7.53 -12.52
C TYR B 325 17.26 -6.75 -13.81
N THR B 326 16.16 -6.47 -14.52
CA THR B 326 16.25 -5.81 -15.81
C THR B 326 14.98 -5.01 -16.05
N GLY B 327 15.06 -4.07 -16.98
CA GLY B 327 13.88 -3.41 -17.54
C GLY B 327 13.79 -3.85 -19.00
N ASP B 328 12.56 -4.08 -19.49
CA ASP B 328 12.42 -4.60 -20.85
C ASP B 328 13.01 -3.64 -21.89
N GLN B 329 12.88 -2.33 -21.67
CA GLN B 329 13.73 -1.39 -22.41
C GLN B 329 13.89 -0.15 -21.55
N GLY B 330 14.67 0.82 -22.08
CA GLY B 330 14.83 2.10 -21.42
C GLY B 330 13.63 2.99 -21.66
N MET B 331 13.79 4.25 -21.24
CA MET B 331 12.77 5.27 -21.38
C MET B 331 13.47 6.61 -21.46
N MET B 332 12.99 7.47 -22.38
CA MET B 332 13.42 8.85 -22.37
C MET B 332 12.73 9.56 -21.21
N LEU B 333 13.52 10.03 -20.26
CA LEU B 333 12.98 10.79 -19.14
C LEU B 333 13.23 12.27 -19.37
N GLY B 334 12.75 12.77 -20.51
CA GLY B 334 12.89 14.16 -20.85
C GLY B 334 14.15 14.53 -21.60
N GLU B 335 15.12 13.63 -21.76
CA GLU B 335 16.31 13.95 -22.54
C GLU B 335 15.92 14.36 -23.96
N HIS B 336 16.54 15.44 -24.45
CA HIS B 336 16.18 16.03 -25.75
C HIS B 336 14.70 16.39 -25.84
N ASP B 337 14.01 16.58 -24.71
CA ASP B 337 12.57 16.89 -24.69
C ASP B 337 11.75 15.75 -25.29
N LEU B 338 12.18 14.51 -25.07
CA LEU B 338 11.49 13.34 -25.59
C LEU B 338 10.88 12.54 -24.45
N GLN B 339 9.85 11.75 -24.78
CA GLN B 339 9.24 10.86 -23.81
C GLN B 339 9.07 9.49 -24.45
N ASP B 340 8.70 8.53 -23.60
CA ASP B 340 8.51 7.12 -23.97
C ASP B 340 9.82 6.49 -24.47
N LYS B 341 9.70 5.42 -25.26
CA LYS B 341 10.89 4.67 -25.64
C LYS B 341 11.00 4.69 -27.15
N ARG B 342 11.20 3.53 -27.78
CA ARG B 342 11.10 3.36 -29.23
C ARG B 342 12.31 3.93 -29.96
N TRP B 343 12.72 5.14 -29.58
CA TRP B 343 13.95 5.72 -30.12
C TRP B 343 15.16 4.82 -29.89
N MET B 344 16.12 4.89 -30.82
CA MET B 344 17.39 4.23 -30.61
C MET B 344 18.35 5.05 -29.72
N TYR B 345 17.98 6.28 -29.31
CA TYR B 345 18.82 7.03 -28.36
C TYR B 345 19.08 6.18 -27.12
N ASP B 346 20.29 6.36 -26.56
CA ASP B 346 20.82 5.42 -25.57
C ASP B 346 19.89 5.25 -24.37
N GLU B 347 19.25 6.33 -23.91
CA GLU B 347 18.37 6.21 -22.75
C GLU B 347 17.28 5.17 -22.98
N SER B 348 16.75 5.13 -24.20
CA SER B 348 15.68 4.20 -24.56
C SER B 348 16.23 2.83 -24.96
N MET B 349 17.35 2.81 -25.67
CA MET B 349 17.92 1.56 -26.20
C MET B 349 18.62 0.74 -25.12
N ARG B 350 19.32 1.40 -24.19
CA ARG B 350 20.01 0.68 -23.14
C ARG B 350 19.01 0.09 -22.16
N MET B 351 19.20 -1.18 -21.82
CA MET B 351 18.42 -1.78 -20.75
C MET B 351 19.25 -1.84 -19.48
N PRO B 352 18.72 -1.51 -18.31
CA PRO B 352 19.41 -1.92 -17.09
C PRO B 352 19.45 -3.44 -17.02
N PHE B 353 20.57 -3.99 -16.59
CA PHE B 353 20.69 -5.46 -16.56
C PHE B 353 21.70 -5.81 -15.47
N ILE B 354 21.21 -6.42 -14.41
CA ILE B 354 22.01 -6.73 -13.23
C ILE B 354 21.84 -8.21 -12.94
N VAL B 355 22.95 -8.92 -12.70
CA VAL B 355 22.86 -10.36 -12.47
C VAL B 355 23.69 -10.67 -11.23
N ARG B 356 23.07 -11.33 -10.27
CA ARG B 356 23.77 -11.90 -9.13
C ARG B 356 23.82 -13.41 -9.32
N ASP B 357 25.01 -13.93 -9.62
CA ASP B 357 25.24 -15.36 -9.63
C ASP B 357 26.00 -15.73 -8.35
N PRO B 358 25.37 -16.38 -7.37
CA PRO B 358 26.02 -16.55 -6.07
C PRO B 358 27.17 -17.55 -6.10
N LYS B 359 27.38 -18.24 -7.21
CA LYS B 359 28.54 -19.12 -7.36
C LYS B 359 29.69 -18.42 -8.07
N SER B 360 29.51 -17.19 -8.50
CA SER B 360 30.51 -16.48 -9.26
C SER B 360 31.31 -15.58 -8.34
N LYS B 361 32.57 -15.34 -8.71
CA LYS B 361 33.38 -14.34 -8.01
C LYS B 361 33.21 -12.93 -8.59
N GLN B 362 32.47 -12.81 -9.68
CA GLN B 362 32.15 -11.50 -10.28
C GLN B 362 31.00 -10.89 -9.47
N ARG B 363 31.36 -10.16 -8.41
CA ARG B 363 30.39 -9.65 -7.44
C ARG B 363 30.80 -8.24 -7.08
N GLY B 364 29.86 -7.30 -7.22
CA GLY B 364 30.19 -5.91 -7.00
C GLY B 364 31.07 -5.31 -8.08
N VAL B 365 30.85 -5.69 -9.34
CA VAL B 365 31.63 -5.18 -10.46
C VAL B 365 30.69 -4.69 -11.56
N HIS B 366 31.27 -4.01 -12.53
CA HIS B 366 30.62 -3.63 -13.76
C HIS B 366 31.25 -4.41 -14.89
N ASN B 367 30.49 -4.61 -15.96
CA ASN B 367 31.00 -5.30 -17.15
C ASN B 367 30.52 -4.55 -18.38
N ASP B 368 31.45 -4.22 -19.28
CA ASP B 368 31.11 -3.38 -20.41
C ASP B 368 31.00 -4.17 -21.73
N LEU B 369 30.82 -5.48 -21.66
CA LEU B 369 30.59 -6.25 -22.88
C LEU B 369 29.32 -5.77 -23.58
N MET B 370 29.35 -5.72 -24.91
CA MET B 370 28.16 -5.31 -25.67
C MET B 370 27.25 -6.52 -25.76
N ILE B 371 26.09 -6.45 -25.12
CA ILE B 371 25.17 -7.57 -25.11
C ILE B 371 23.76 -7.08 -25.49
N ASN B 372 22.92 -8.03 -25.92
CA ASN B 372 21.55 -7.75 -26.30
C ASN B 372 20.58 -8.59 -25.48
N ASN B 373 19.31 -8.16 -25.47
CA ASN B 373 18.25 -8.98 -24.88
C ASN B 373 18.14 -10.34 -25.54
N ILE B 374 18.48 -10.45 -26.83
CA ILE B 374 18.43 -11.76 -27.47
C ILE B 374 19.47 -12.70 -26.91
N ASP B 375 20.50 -12.19 -26.20
CA ASP B 375 21.52 -13.04 -25.59
C ASP B 375 21.12 -13.56 -24.21
N PHE B 376 19.98 -13.11 -23.65
CA PHE B 376 19.62 -13.50 -22.29
C PHE B 376 19.33 -14.98 -22.20
N ALA B 377 18.47 -15.48 -23.08
CA ALA B 377 18.03 -16.87 -22.96
C ALA B 377 19.19 -17.85 -23.08
N PRO B 378 20.06 -17.77 -24.08
CA PRO B 378 21.18 -18.73 -24.12
C PRO B 378 22.11 -18.58 -22.94
N THR B 379 22.28 -17.36 -22.40
CA THR B 379 23.17 -17.19 -21.25
C THR B 379 22.57 -17.82 -20.01
N LEU B 380 21.29 -17.61 -19.78
CA LEU B 380 20.66 -18.15 -18.58
C LEU B 380 20.62 -19.67 -18.66
N ILE B 381 20.40 -20.21 -19.86
CA ILE B 381 20.36 -21.67 -19.97
C ILE B 381 21.71 -22.27 -19.61
N GLU B 382 22.79 -21.65 -20.07
CA GLU B 382 24.13 -22.15 -19.77
C GLU B 382 24.48 -21.93 -18.29
N LEU B 383 24.07 -20.80 -17.72
CA LEU B 383 24.32 -20.58 -16.30
C LEU B 383 23.61 -21.63 -15.45
N ALA B 384 22.46 -22.11 -15.89
CA ALA B 384 21.72 -23.15 -15.19
C ALA B 384 22.22 -24.55 -15.51
N GLY B 385 23.25 -24.69 -16.33
CA GLY B 385 23.85 -25.98 -16.63
C GLY B 385 23.57 -26.54 -18.01
N GLY B 386 22.72 -25.89 -18.80
CA GLY B 386 22.35 -26.38 -20.11
C GLY B 386 23.27 -25.89 -21.22
N LYS B 387 22.80 -26.08 -22.45
CA LYS B 387 23.57 -25.72 -23.63
C LYS B 387 22.82 -24.64 -24.40
N ALA B 388 23.54 -23.59 -24.79
CA ALA B 388 23.03 -22.52 -25.63
C ALA B 388 22.35 -23.07 -26.89
N PRO B 389 21.05 -22.86 -27.08
CA PRO B 389 20.36 -23.50 -28.21
C PRO B 389 20.80 -22.91 -29.55
N LYS B 390 21.12 -23.77 -30.50
CA LYS B 390 21.68 -23.26 -31.74
C LYS B 390 20.63 -22.60 -32.63
N TYR B 391 19.34 -22.83 -32.40
CA TYR B 391 18.32 -22.18 -33.20
C TYR B 391 18.10 -20.72 -32.81
N MET B 392 18.72 -20.25 -31.74
CA MET B 392 18.56 -18.87 -31.31
C MET B 392 19.54 -17.97 -32.04
N ASP B 393 19.16 -16.70 -32.19
CA ASP B 393 20.09 -15.70 -32.71
C ASP B 393 21.09 -15.26 -31.66
N GLY B 394 20.68 -15.14 -30.40
CA GLY B 394 21.59 -14.71 -29.37
C GLY B 394 22.59 -15.80 -29.02
N LYS B 395 23.65 -15.40 -28.33
CA LYS B 395 24.70 -16.30 -27.89
C LYS B 395 24.89 -16.13 -26.39
N SER B 396 25.60 -17.08 -25.79
CA SER B 396 25.79 -17.08 -24.35
C SER B 396 27.01 -16.24 -23.98
N PHE B 397 26.81 -15.28 -23.08
CA PHE B 397 27.94 -14.57 -22.48
C PHE B 397 28.20 -15.07 -21.06
N ALA B 398 27.82 -16.31 -20.76
CA ALA B 398 28.01 -16.86 -19.43
C ALA B 398 29.46 -16.90 -19.00
N ASP B 399 30.41 -16.90 -19.94
CA ASP B 399 31.83 -16.87 -19.59
C ASP B 399 32.20 -15.66 -18.75
N VAL B 400 31.42 -14.58 -18.86
CA VAL B 400 31.66 -13.38 -18.07
C VAL B 400 31.69 -13.70 -16.59
N PHE B 401 30.88 -14.66 -16.17
CA PHE B 401 30.75 -14.99 -14.76
C PHE B 401 31.87 -15.88 -14.26
N GLU B 402 32.79 -16.27 -15.14
CA GLU B 402 34.06 -16.88 -14.77
C GLU B 402 35.22 -15.92 -14.95
N GLY B 403 34.93 -14.63 -15.17
CA GLY B 403 35.98 -13.65 -15.35
C GLY B 403 36.61 -13.64 -16.72
N LYS B 404 35.98 -14.26 -17.71
CA LYS B 404 36.54 -14.37 -19.05
C LYS B 404 35.65 -13.66 -20.05
N THR B 405 36.25 -13.13 -21.10
CA THR B 405 35.48 -12.61 -22.22
C THR B 405 35.01 -13.77 -23.10
N PRO B 406 33.74 -13.80 -23.51
CA PRO B 406 33.28 -14.89 -24.38
C PRO B 406 33.98 -14.86 -25.73
N ALA B 407 34.20 -16.04 -26.28
CA ALA B 407 34.98 -16.16 -27.51
C ALA B 407 34.24 -15.52 -28.68
N ASN B 408 34.98 -14.76 -29.49
CA ASN B 408 34.46 -14.23 -30.75
C ASN B 408 33.20 -13.39 -30.55
N TRP B 409 33.19 -12.58 -29.50
CA TRP B 409 31.99 -11.84 -29.14
C TRP B 409 31.86 -10.59 -30.00
N LYS B 410 30.61 -10.22 -30.32
CA LYS B 410 30.36 -9.03 -31.14
C LYS B 410 30.95 -7.77 -30.50
N ASP B 411 31.31 -6.80 -31.35
CA ASP B 411 31.71 -5.46 -30.91
C ASP B 411 30.72 -4.40 -31.37
N GLU B 412 29.52 -4.83 -31.78
CA GLU B 412 28.53 -3.91 -32.30
C GLU B 412 27.19 -4.60 -32.18
N VAL B 413 26.12 -3.79 -32.14
CA VAL B 413 24.77 -4.32 -31.98
C VAL B 413 23.88 -3.66 -33.01
N TYR B 414 22.85 -4.40 -33.42
CA TYR B 414 21.87 -4.00 -34.43
C TYR B 414 20.60 -3.54 -33.74
N TYR B 415 19.95 -2.53 -34.31
CA TYR B 415 18.72 -2.02 -33.73
C TYR B 415 17.71 -1.79 -34.85
N ARG B 416 16.44 -2.12 -34.61
CA ARG B 416 15.41 -1.72 -35.56
C ARG B 416 14.09 -1.46 -34.85
N TYR B 417 13.56 -0.26 -35.03
CA TYR B 417 12.22 0.11 -34.57
C TYR B 417 11.30 0.14 -35.79
N TRP B 418 10.29 -0.72 -35.79
CA TRP B 418 9.42 -0.94 -36.93
C TRP B 418 8.12 -0.14 -36.87
N MET B 419 7.68 0.27 -35.69
CA MET B 419 6.30 0.71 -35.49
C MET B 419 6.16 2.20 -35.83
N HIS B 420 6.33 2.49 -37.12
CA HIS B 420 6.36 3.84 -37.63
C HIS B 420 5.19 4.69 -37.14
N MET B 421 5.50 5.77 -36.42
CA MET B 421 4.58 6.84 -36.05
C MET B 421 3.55 6.48 -34.97
N ILE B 422 3.16 5.21 -34.84
CA ILE B 422 2.01 4.90 -34.00
C ILE B 422 2.30 5.28 -32.55
N HIS B 423 1.26 5.78 -31.85
CA HIS B 423 1.23 6.12 -30.42
C HIS B 423 2.04 7.36 -30.07
N HIS B 424 3.29 7.42 -30.54
CA HIS B 424 4.17 8.50 -30.10
C HIS B 424 4.82 9.25 -31.25
N ASP B 425 4.40 9.02 -32.49
CA ASP B 425 4.87 9.79 -33.64
C ASP B 425 6.39 9.68 -33.80
N ILE B 426 6.90 8.46 -33.66
CA ILE B 426 8.34 8.22 -33.79
C ILE B 426 8.57 7.47 -35.09
N PRO B 427 9.41 7.98 -35.99
CA PRO B 427 9.59 7.31 -37.28
C PRO B 427 10.40 6.03 -37.14
N ALA B 428 10.12 5.09 -38.04
CA ALA B 428 10.85 3.84 -38.05
C ALA B 428 12.29 4.06 -38.47
N HIS B 429 13.19 3.27 -37.88
CA HIS B 429 14.61 3.45 -38.14
C HIS B 429 15.35 2.16 -37.86
N ILE B 430 16.50 1.99 -38.51
CA ILE B 430 17.46 0.94 -38.14
C ILE B 430 18.72 1.61 -37.61
N GLY B 431 19.62 0.81 -37.04
CA GLY B 431 20.85 1.43 -36.61
C GLY B 431 21.85 0.41 -36.17
N ILE B 432 23.07 0.89 -35.98
CA ILE B 432 24.18 0.10 -35.46
C ILE B 432 24.85 0.91 -34.37
N ARG B 433 25.20 0.25 -33.28
CA ARG B 433 25.93 0.90 -32.21
C ARG B 433 27.17 0.09 -31.90
N THR B 434 28.33 0.75 -31.85
CA THR B 434 29.57 0.18 -31.32
C THR B 434 29.85 0.84 -29.97
N LYS B 435 31.00 0.50 -29.37
CA LYS B 435 31.37 1.21 -28.16
C LYS B 435 31.71 2.67 -28.44
N ASP B 436 32.08 3.01 -29.66
CA ASP B 436 32.53 4.37 -29.95
C ASP B 436 31.52 5.23 -30.71
N TYR B 437 30.66 4.63 -31.52
CA TYR B 437 29.79 5.41 -32.40
C TYR B 437 28.41 4.76 -32.47
N LYS B 438 27.44 5.59 -32.83
CA LYS B 438 26.10 5.10 -33.14
C LYS B 438 25.68 5.74 -34.45
N LEU B 439 25.25 4.91 -35.39
CA LEU B 439 24.71 5.38 -36.65
C LEU B 439 23.26 4.94 -36.73
N ILE B 440 22.36 5.90 -36.94
CA ILE B 440 20.93 5.65 -37.07
C ILE B 440 20.50 5.99 -38.49
N LEU B 441 19.67 5.14 -39.08
CA LEU B 441 19.09 5.42 -40.40
C LEU B 441 17.57 5.43 -40.25
N PHE B 442 16.97 6.61 -40.30
CA PHE B 442 15.52 6.71 -40.29
C PHE B 442 15.03 6.44 -41.70
N TYR B 443 14.31 5.34 -41.89
CA TYR B 443 13.70 5.10 -43.17
C TYR B 443 12.25 5.56 -43.22
N GLY B 444 11.59 5.77 -42.08
CA GLY B 444 10.39 6.59 -42.02
C GLY B 444 9.16 6.08 -42.77
N ARG B 445 8.97 4.76 -42.82
CA ARG B 445 7.79 4.09 -43.37
C ARG B 445 7.31 3.00 -42.43
N HIS B 446 6.01 2.73 -42.46
CA HIS B 446 5.47 1.52 -41.85
C HIS B 446 5.59 0.37 -42.83
N TYR B 447 5.90 -0.81 -42.31
CA TYR B 447 5.97 -2.01 -43.14
C TYR B 447 4.61 -2.49 -43.63
N ASP B 448 3.49 -2.07 -43.01
CA ASP B 448 2.16 -2.54 -43.40
C ASP B 448 1.43 -1.44 -44.17
N GLU B 449 1.27 -1.63 -45.48
CA GLU B 449 0.58 -0.62 -46.27
C GLU B 449 -0.86 -0.40 -45.79
N LYS B 450 -1.49 -1.40 -45.19
CA LYS B 450 -2.84 -1.20 -44.65
C LYS B 450 -2.87 -0.20 -43.51
N THR B 451 -1.73 0.04 -42.86
CA THR B 451 -1.63 0.99 -41.76
C THR B 451 -1.12 2.35 -42.21
N MET B 452 -0.32 2.40 -43.28
CA MET B 452 0.04 3.68 -43.86
C MET B 452 -1.22 4.48 -44.17
N GLY B 453 -1.19 5.77 -43.86
CA GLY B 453 -2.31 6.66 -44.09
C GLY B 453 -3.41 6.61 -43.05
N THR B 454 -3.21 5.91 -41.94
CA THR B 454 -4.20 5.87 -40.86
C THR B 454 -3.69 6.67 -39.65
N PRO B 455 -4.57 6.96 -38.67
CA PRO B 455 -4.15 7.82 -37.55
C PRO B 455 -3.08 7.17 -36.69
N SER B 456 -2.13 7.98 -36.25
CA SER B 456 -1.10 7.47 -35.34
C SER B 456 -1.62 7.37 -33.91
N MET B 457 -2.64 8.15 -33.57
CA MET B 457 -3.19 8.23 -32.23
C MET B 457 -4.71 8.14 -32.37
N TRP B 458 -5.26 6.94 -32.23
CA TRP B 458 -6.66 6.72 -32.55
C TRP B 458 -7.58 7.41 -31.55
N TRP B 459 -7.12 7.63 -30.33
CA TRP B 459 -7.91 8.28 -29.29
C TRP B 459 -8.06 9.78 -29.50
N LEU B 460 -7.45 10.33 -30.54
CA LEU B 460 -7.59 11.74 -30.82
C LEU B 460 -8.76 12.00 -31.74
N LYS B 463 -9.69 16.16 -31.49
CA LYS B 463 -9.35 15.38 -32.69
C LYS B 463 -8.10 15.95 -33.36
N GLY B 464 -7.73 15.37 -34.50
CA GLY B 464 -6.62 15.87 -35.29
C GLY B 464 -5.31 15.11 -35.16
N SER B 465 -5.34 13.80 -34.94
CA SER B 465 -4.12 13.01 -34.84
C SER B 465 -3.32 13.11 -36.13
N HIS B 466 -2.00 13.05 -36.01
CA HIS B 466 -1.20 12.92 -37.22
C HIS B 466 -1.47 11.56 -37.84
N LYS B 467 -1.05 11.40 -39.09
CA LYS B 467 -1.27 10.16 -39.82
C LYS B 467 0.05 9.40 -39.95
N VAL B 468 -0.04 8.11 -40.25
CA VAL B 468 1.14 7.29 -40.48
C VAL B 468 1.58 7.52 -41.92
N VAL B 469 2.49 8.47 -42.13
CA VAL B 469 2.90 8.85 -43.47
C VAL B 469 4.43 8.83 -43.56
N GLN B 470 4.93 8.83 -44.81
CA GLN B 470 6.37 8.86 -45.02
C GLN B 470 6.98 10.10 -44.39
N THR B 471 8.04 9.91 -43.60
CA THR B 471 8.83 11.00 -43.04
C THR B 471 10.22 11.01 -43.68
N PRO B 472 10.99 12.10 -43.52
CA PRO B 472 12.26 12.21 -44.24
C PRO B 472 13.26 11.12 -43.91
N VAL B 473 13.97 10.66 -44.93
CA VAL B 473 15.01 9.66 -44.79
C VAL B 473 16.34 10.38 -44.52
N ALA B 474 16.98 10.05 -43.40
CA ALA B 474 18.25 10.69 -43.06
C ALA B 474 19.02 9.84 -42.05
N PHE B 475 20.30 10.14 -41.92
CA PHE B 475 21.18 9.47 -40.98
C PHE B 475 21.42 10.37 -39.78
N GLU B 476 21.72 9.74 -38.65
CA GLU B 476 22.29 10.47 -37.53
C GLU B 476 23.52 9.73 -37.05
N LEU B 477 24.55 10.47 -36.71
CA LEU B 477 25.80 9.86 -36.26
C LEU B 477 26.20 10.54 -34.97
N TYR B 478 26.48 9.73 -33.94
CA TYR B 478 26.87 10.26 -32.64
C TYR B 478 28.21 9.67 -32.24
N ASP B 479 29.12 10.55 -31.85
CA ASP B 479 30.43 10.19 -31.29
C ASP B 479 30.25 9.93 -29.80
N LEU B 480 30.17 8.65 -29.43
CA LEU B 480 29.75 8.32 -28.07
C LEU B 480 30.80 8.64 -27.02
N LYS B 481 32.08 8.70 -27.40
CA LYS B 481 33.14 9.07 -26.44
C LYS B 481 33.19 10.57 -26.20
N LYS B 482 33.10 11.37 -27.26
CA LYS B 482 33.08 12.83 -27.08
C LYS B 482 31.74 13.32 -26.59
N ASP B 483 30.67 12.60 -26.92
CA ASP B 483 29.30 13.12 -26.80
C ASP B 483 28.39 11.99 -26.33
N PRO B 484 28.62 11.46 -25.13
CA PRO B 484 27.83 10.31 -24.66
C PRO B 484 26.36 10.63 -24.49
N MET B 485 26.00 11.90 -24.31
CA MET B 485 24.60 12.28 -24.21
C MET B 485 23.92 12.48 -25.56
N GLU B 486 24.63 12.24 -26.67
CA GLU B 486 24.05 12.30 -28.02
C GLU B 486 23.44 13.67 -28.31
N MET B 487 24.20 14.72 -27.98
CA MET B 487 23.73 16.09 -28.18
C MET B 487 24.01 16.61 -29.60
N LYS B 488 24.90 15.95 -30.34
CA LYS B 488 25.44 16.53 -31.58
C LYS B 488 25.47 15.47 -32.67
N ASN B 489 24.53 15.57 -33.61
CA ASN B 489 24.58 14.75 -34.80
C ASN B 489 25.73 15.22 -35.68
N VAL B 490 26.73 14.37 -35.89
CA VAL B 490 27.89 14.76 -36.69
C VAL B 490 27.88 14.09 -38.06
N ALA B 491 26.72 13.61 -38.54
CA ALA B 491 26.71 12.90 -39.82
C ALA B 491 27.15 13.80 -40.97
N ASN B 492 26.92 15.10 -40.88
CA ASN B 492 27.27 16.05 -41.94
C ASN B 492 28.53 16.83 -41.63
N ASP B 493 29.24 16.46 -40.58
CA ASP B 493 30.48 17.11 -40.22
C ASP B 493 31.61 16.51 -41.05
N PRO B 494 32.28 17.28 -41.91
CA PRO B 494 33.35 16.72 -42.74
C PRO B 494 34.41 15.99 -41.93
N GLU B 495 34.66 16.42 -40.69
CA GLU B 495 35.60 15.71 -39.81
C GLU B 495 35.25 14.23 -39.63
N TYR B 496 33.98 13.84 -39.80
CA TYR B 496 33.55 12.46 -39.56
C TYR B 496 33.22 11.71 -40.84
N LYS B 497 33.65 12.21 -42.00
CA LYS B 497 33.28 11.58 -43.27
C LYS B 497 33.73 10.13 -43.34
N ASP B 498 34.92 9.82 -42.81
CA ASP B 498 35.39 8.44 -42.88
C ASP B 498 34.67 7.56 -41.87
N VAL B 499 34.39 8.10 -40.68
CA VAL B 499 33.65 7.35 -39.67
C VAL B 499 32.26 7.01 -40.19
N LEU B 500 31.61 7.98 -40.84
CA LEU B 500 30.27 7.75 -41.39
C LEU B 500 30.30 6.61 -42.41
N LYS B 501 31.21 6.68 -43.39
CA LYS B 501 31.29 5.64 -44.40
C LYS B 501 31.53 4.27 -43.78
N ASP B 502 32.42 4.18 -42.78
CA ASP B 502 32.67 2.90 -42.13
C ASP B 502 31.42 2.34 -41.45
N MET B 503 30.66 3.21 -40.76
CA MET B 503 29.46 2.74 -40.07
C MET B 503 28.38 2.28 -41.06
N LYS B 504 28.24 3.00 -42.18
CA LYS B 504 27.25 2.59 -43.18
C LYS B 504 27.58 1.22 -43.74
N VAL B 505 28.86 0.97 -44.03
CA VAL B 505 29.22 -0.36 -44.53
C VAL B 505 29.01 -1.41 -43.45
N ARG B 506 29.32 -1.09 -42.21
CA ARG B 506 29.10 -2.08 -41.15
C ARG B 506 27.61 -2.33 -40.92
N LEU B 507 26.80 -1.27 -40.98
CA LEU B 507 25.35 -1.44 -40.85
C LEU B 507 24.78 -2.31 -41.97
N ALA B 508 25.22 -2.08 -43.21
CA ALA B 508 24.76 -2.93 -44.31
C ALA B 508 25.13 -4.38 -44.10
N LYS B 509 26.38 -4.64 -43.66
CA LYS B 509 26.79 -6.05 -43.47
C LYS B 509 26.08 -6.68 -42.28
N LEU B 510 25.90 -5.92 -41.20
CA LEU B 510 25.21 -6.43 -40.04
C LEU B 510 23.78 -6.84 -40.40
N ARG B 511 23.08 -5.95 -41.09
CA ARG B 511 21.74 -6.26 -41.59
C ARG B 511 21.73 -7.55 -42.38
N GLU B 512 22.71 -7.72 -43.28
CA GLU B 512 22.81 -8.96 -44.04
C GLU B 512 23.05 -10.15 -43.12
N LYS B 513 23.96 -9.97 -42.15
CA LYS B 513 24.34 -11.08 -41.28
C LYS B 513 23.18 -11.56 -40.42
N VAL B 514 22.41 -10.62 -39.86
CA VAL B 514 21.26 -11.02 -39.04
C VAL B 514 20.04 -11.41 -39.88
N GLY B 515 20.10 -11.26 -41.20
CA GLY B 515 19.00 -11.69 -42.04
C GLY B 515 17.84 -10.72 -42.14
N ASP B 516 18.06 -9.44 -41.93
CA ASP B 516 16.99 -8.45 -41.92
C ASP B 516 17.05 -7.64 -43.20
N THR B 517 16.80 -8.31 -44.32
CA THR B 517 17.07 -7.73 -45.63
C THR B 517 15.83 -7.22 -46.36
N ASP B 518 14.64 -7.35 -45.76
CA ASP B 518 13.43 -6.64 -46.16
C ASP B 518 12.87 -7.10 -47.50
N GLU B 519 13.14 -8.33 -47.92
CA GLU B 519 12.52 -8.86 -49.13
C GLU B 519 11.00 -8.82 -49.04
N LYS B 520 10.46 -9.09 -47.86
CA LYS B 520 9.01 -9.03 -47.68
C LYS B 520 8.47 -7.61 -47.85
N TYR B 521 9.33 -6.59 -47.78
CA TYR B 521 8.91 -5.19 -47.76
C TYR B 521 9.70 -4.40 -48.80
N PRO B 522 9.33 -4.54 -50.08
CA PRO B 522 10.16 -3.91 -51.14
C PRO B 522 10.25 -2.41 -51.06
N LYS B 523 9.22 -1.70 -50.58
CA LYS B 523 9.33 -0.25 -50.51
C LYS B 523 10.37 0.16 -49.48
N ILE B 524 10.39 -0.54 -48.35
CA ILE B 524 11.40 -0.26 -47.34
C ILE B 524 12.77 -0.72 -47.83
N LYS B 525 12.82 -1.91 -48.43
CA LYS B 525 14.10 -2.40 -48.95
C LYS B 525 14.77 -1.38 -49.85
N ALA B 526 13.99 -0.77 -50.75
CA ALA B 526 14.56 0.20 -51.70
C ALA B 526 15.02 1.46 -51.00
N ILE B 527 14.26 1.97 -50.03
CA ILE B 527 14.71 3.12 -49.26
C ILE B 527 16.04 2.80 -48.58
N ILE B 528 16.10 1.67 -47.87
CA ILE B 528 17.27 1.38 -47.06
C ILE B 528 18.48 1.10 -47.95
N ASP B 529 18.31 0.29 -48.99
CA ASP B 529 19.44 -0.02 -49.85
C ASP B 529 19.94 1.24 -50.55
N ASN B 530 19.03 2.09 -51.03
CA ASN B 530 19.47 3.32 -51.67
C ASN B 530 20.17 4.25 -50.69
N ALA B 531 19.77 4.24 -49.41
CA ALA B 531 20.42 5.11 -48.44
C ALA B 531 21.81 4.61 -48.07
N LEU B 532 22.01 3.30 -48.05
CA LEU B 532 23.28 2.71 -47.65
C LEU B 532 24.24 2.53 -48.81
N LYS B 533 23.83 2.80 -50.05
CA LYS B 533 24.64 2.56 -51.24
C LYS B 533 25.98 3.27 -51.16
CA CA C . -14.58 0.76 17.59
NI NI D . -7.87 3.00 7.75
NI NI E . -16.93 8.92 14.35
CA CA F . 8.06 -1.83 -21.48
NI NI G . 3.43 -3.57 -10.47
NI NI H . 5.90 -10.54 -20.72
#